data_8FDP
# 
_entry.id   8FDP 
# 
_audit_conform.dict_name       mmcif_pdbx.dic 
_audit_conform.dict_version    5.378 
_audit_conform.dict_location   http://mmcif.pdb.org/dictionaries/ascii/mmcif_pdbx.dic 
# 
loop_
_database_2.database_id 
_database_2.database_code 
_database_2.pdbx_database_accession 
_database_2.pdbx_DOI 
PDB   8FDP         pdb_00008fdp 10.2210/pdb8fdp/pdb 
WWPDB D_1000269916 ?            ?                   
# 
_pdbx_database_status.status_code                     REL 
_pdbx_database_status.status_code_sf                  REL 
_pdbx_database_status.status_code_mr                  ? 
_pdbx_database_status.entry_id                        8FDP 
_pdbx_database_status.recvd_initial_deposition_date   2022-12-04 
_pdbx_database_status.SG_entry                        N 
_pdbx_database_status.deposit_site                    RCSB 
_pdbx_database_status.process_site                    RCSB 
_pdbx_database_status.status_code_cs                  ? 
_pdbx_database_status.status_code_nmr_data            ? 
_pdbx_database_status.methods_development_category    ? 
_pdbx_database_status.pdb_format_compatible           Y 
# 
loop_
_audit_author.name 
_audit_author.pdbx_ordinal 
_audit_author.identifier_ORCID 
'Ogbonna, E.'  1 0000-0002-0762-0603 
'Wilson, W.D.' 2 0000-0001-5225-5089 
# 
loop_
_citation.abstract 
_citation.abstract_id_CAS 
_citation.book_id_ISBN 
_citation.book_publisher 
_citation.book_publisher_city 
_citation.book_title 
_citation.coordinate_linkage 
_citation.country 
_citation.database_id_Medline 
_citation.details 
_citation.id 
_citation.journal_abbrev 
_citation.journal_id_ASTM 
_citation.journal_id_CSD 
_citation.journal_id_ISSN 
_citation.journal_full 
_citation.journal_issue 
_citation.journal_volume 
_citation.language 
_citation.page_first 
_citation.page_last 
_citation.title 
_citation.year 
_citation.database_id_CSD 
_citation.pdbx_database_id_DOI 
_citation.pdbx_database_id_PubMed 
_citation.pdbx_database_id_patent 
_citation.unpublished_flag 
? ? ? ? ? ? ? US ? ? primary 'Acs Bio Med Chem Au' ?      ?    2694-2437 ? ? 3   ? 335  348  
'X-ray Structure Characterization of the Selective Recognition of AT Base Pair Sequences.' 2023 ? 10.1021/acsbiomedchemau.3c00002 
37599788 ? ? 
? ? ? ? ? ? ? UK ? ? 1       'J Mol Biol'          JMOBAK 0070 0022-2836 ? ? 226 ? 1161 1173 
;Molecular structure of the B-DNA dodecamer d(CGCAAATTTGCG)2. An examination of propeller twist and minor-groove water structure at 2.2 A resolution.
;
1992 ? '10.1016/0022-2836(92)91059-x'  1518049  ? ? 
# 
loop_
_citation_author.citation_id 
_citation_author.name 
_citation_author.ordinal 
_citation_author.identifier_ORCID 
primary 'Ogbonna, E.N.' 1  ?                   
primary 'Paul, A.'      2  0000-0003-4592-3442 
primary 'Farahat, A.A.' 3  ?                   
primary 'Terrell, J.R.' 4  ?                   
primary 'Mineva, E.'    5  ?                   
primary 'Ogbonna, V.'   6  ?                   
primary 'Boykin, D.W.'  7  ?                   
primary 'Wilson, W.D.'  8  0000-0001-5225-5089 
1       'Edwards, K.J.' 9  ?                   
1       'Brown, D.G.'   10 ?                   
1       'Spink, N.'     11 ?                   
1       'Skelly, J.V.'  12 ?                   
1       'Neidle, S.'    13 ?                   
# 
_cell.angle_alpha                  90.000 
_cell.angle_alpha_esd              ? 
_cell.angle_beta                   90.000 
_cell.angle_beta_esd               ? 
_cell.angle_gamma                  90.000 
_cell.angle_gamma_esd              ? 
_cell.entry_id                     8FDP 
_cell.details                      ? 
_cell.formula_units_Z              ? 
_cell.length_a                     24.977 
_cell.length_a_esd                 ? 
_cell.length_b                     41.507 
_cell.length_b_esd                 ? 
_cell.length_c                     65.449 
_cell.length_c_esd                 ? 
_cell.volume                       67852.309 
_cell.volume_esd                   ? 
_cell.Z_PDB                        8 
_cell.reciprocal_angle_alpha       ? 
_cell.reciprocal_angle_beta        ? 
_cell.reciprocal_angle_gamma       ? 
_cell.reciprocal_angle_alpha_esd   ? 
_cell.reciprocal_angle_beta_esd    ? 
_cell.reciprocal_angle_gamma_esd   ? 
_cell.reciprocal_length_a          ? 
_cell.reciprocal_length_b          ? 
_cell.reciprocal_length_c          ? 
_cell.reciprocal_length_a_esd      ? 
_cell.reciprocal_length_b_esd      ? 
_cell.reciprocal_length_c_esd      ? 
_cell.pdbx_unique_axis             ? 
_cell.pdbx_esd_method              ? 
# 
_symmetry.entry_id                         8FDP 
_symmetry.cell_setting                     ? 
_symmetry.Int_Tables_number                19 
_symmetry.space_group_name_Hall            'P 2ac 2ab' 
_symmetry.space_group_name_H-M             'P 21 21 21' 
_symmetry.pdbx_full_space_group_name_H-M   ? 
# 
loop_
_entity.id 
_entity.type 
_entity.src_method 
_entity.pdbx_description 
_entity.formula_weight 
_entity.pdbx_number_of_molecules 
_entity.pdbx_ec 
_entity.pdbx_mutation 
_entity.pdbx_fragment 
_entity.details 
1 polymer syn 
;DNA (5'-D(*CP*GP*CP*AP*AP*AP*TP*TP*TP*GP*CP*G)-3')
;
3662.404 2  ? ? ? 
;CGCAAATTTGCG is a self-complementary DNA. Chain B: 5'-CGCAAATTTGCG-3' Chain C: 3'-GCGTTTAAACGC-5'
;
2 water   nat water                                                18.015   28 ? ? ? ? 
# 
_entity_poly.entity_id                      1 
_entity_poly.type                           polydeoxyribonucleotide 
_entity_poly.nstd_linkage                   no 
_entity_poly.nstd_monomer                   no 
_entity_poly.pdbx_seq_one_letter_code       '(DC)(DG)(DC)(DA)(DA)(DA)(DT)(DT)(DT)(DG)(DC)(DG)' 
_entity_poly.pdbx_seq_one_letter_code_can   CGCAAATTTGCG 
_entity_poly.pdbx_strand_id                 B,C 
_entity_poly.pdbx_target_identifier         ? 
# 
loop_
_entity_poly_seq.entity_id 
_entity_poly_seq.num 
_entity_poly_seq.mon_id 
_entity_poly_seq.hetero 
1 1  DC n 
1 2  DG n 
1 3  DC n 
1 4  DA n 
1 5  DA n 
1 6  DA n 
1 7  DT n 
1 8  DT n 
1 9  DT n 
1 10 DG n 
1 11 DC n 
1 12 DG n 
# 
_pdbx_entity_src_syn.entity_id              1 
_pdbx_entity_src_syn.pdbx_src_id            1 
_pdbx_entity_src_syn.pdbx_alt_source_flag   sample 
_pdbx_entity_src_syn.pdbx_beg_seq_num       1 
_pdbx_entity_src_syn.pdbx_end_seq_num       12 
_pdbx_entity_src_syn.organism_scientific    'Homo sapiens' 
_pdbx_entity_src_syn.organism_common_name   ? 
_pdbx_entity_src_syn.ncbi_taxonomy_id       9606 
_pdbx_entity_src_syn.details                ? 
# 
_struct_ref.id                         1 
_struct_ref.db_name                    PDB 
_struct_ref.db_code                    8FDP 
_struct_ref.pdbx_db_accession          8FDP 
_struct_ref.pdbx_db_isoform            ? 
_struct_ref.entity_id                  1 
_struct_ref.pdbx_seq_one_letter_code   ? 
_struct_ref.pdbx_align_begin           1 
# 
loop_
_struct_ref_seq.align_id 
_struct_ref_seq.ref_id 
_struct_ref_seq.pdbx_PDB_id_code 
_struct_ref_seq.pdbx_strand_id 
_struct_ref_seq.seq_align_beg 
_struct_ref_seq.pdbx_seq_align_beg_ins_code 
_struct_ref_seq.seq_align_end 
_struct_ref_seq.pdbx_seq_align_end_ins_code 
_struct_ref_seq.pdbx_db_accession 
_struct_ref_seq.db_align_beg 
_struct_ref_seq.pdbx_db_align_beg_ins_code 
_struct_ref_seq.db_align_end 
_struct_ref_seq.pdbx_db_align_end_ins_code 
_struct_ref_seq.pdbx_auth_seq_align_beg 
_struct_ref_seq.pdbx_auth_seq_align_end 
1 1 8FDP B 1 ? 12 ? 8FDP 1  ? 12 ? 1  12 
2 1 8FDP C 1 ? 12 ? 8FDP 13 ? 24 ? 13 24 
# 
loop_
_chem_comp.id 
_chem_comp.type 
_chem_comp.mon_nstd_flag 
_chem_comp.name 
_chem_comp.pdbx_synonyms 
_chem_comp.formula 
_chem_comp.formula_weight 
DA  'DNA linking' y "2'-DEOXYADENOSINE-5'-MONOPHOSPHATE" ? 'C10 H14 N5 O6 P' 331.222 
DC  'DNA linking' y "2'-DEOXYCYTIDINE-5'-MONOPHOSPHATE"  ? 'C9 H14 N3 O7 P'  307.197 
DG  'DNA linking' y "2'-DEOXYGUANOSINE-5'-MONOPHOSPHATE" ? 'C10 H14 N5 O7 P' 347.221 
DT  'DNA linking' y "THYMIDINE-5'-MONOPHOSPHATE"         ? 'C10 H15 N2 O8 P' 322.208 
HOH non-polymer   . WATER                                ? 'H2 O'            18.015  
# 
_exptl.absorpt_coefficient_mu     ? 
_exptl.absorpt_correction_T_max   ? 
_exptl.absorpt_correction_T_min   ? 
_exptl.absorpt_correction_type    ? 
_exptl.absorpt_process_details    ? 
_exptl.entry_id                   8FDP 
_exptl.crystals_number            1 
_exptl.details                    ? 
_exptl.method                     'X-RAY DIFFRACTION' 
_exptl.method_details             ? 
# 
_exptl_crystal.colour                       ? 
_exptl_crystal.density_diffrn               ? 
_exptl_crystal.density_Matthews             2.32 
_exptl_crystal.density_method               ? 
_exptl_crystal.density_percent_sol          46.89 
_exptl_crystal.description                  ? 
_exptl_crystal.F_000                        ? 
_exptl_crystal.id                           1 
_exptl_crystal.preparation                  ? 
_exptl_crystal.size_max                     ? 
_exptl_crystal.size_mid                     ? 
_exptl_crystal.size_min                     ? 
_exptl_crystal.size_rad                     ? 
_exptl_crystal.colour_lustre                ? 
_exptl_crystal.colour_modifier              ? 
_exptl_crystal.colour_primary               ? 
_exptl_crystal.density_meas                 ? 
_exptl_crystal.density_meas_esd             ? 
_exptl_crystal.density_meas_gt              ? 
_exptl_crystal.density_meas_lt              ? 
_exptl_crystal.density_meas_temp            ? 
_exptl_crystal.density_meas_temp_esd        ? 
_exptl_crystal.density_meas_temp_gt         ? 
_exptl_crystal.density_meas_temp_lt         ? 
_exptl_crystal.pdbx_crystal_image_url       ? 
_exptl_crystal.pdbx_crystal_image_format    ? 
_exptl_crystal.pdbx_mosaicity               ? 
_exptl_crystal.pdbx_mosaicity_esd           ? 
_exptl_crystal.pdbx_mosaic_method           ? 
_exptl_crystal.pdbx_mosaic_block_size       ? 
_exptl_crystal.pdbx_mosaic_block_size_esd   ? 
# 
_exptl_crystal_grow.apparatus       ? 
_exptl_crystal_grow.atmosphere      ? 
_exptl_crystal_grow.crystal_id      1 
_exptl_crystal_grow.details         ? 
_exptl_crystal_grow.method          'VAPOR DIFFUSION, HANGING DROP' 
_exptl_crystal_grow.method_ref      ? 
_exptl_crystal_grow.pH              7 
_exptl_crystal_grow.pressure        ? 
_exptl_crystal_grow.pressure_esd    ? 
_exptl_crystal_grow.seeding         ? 
_exptl_crystal_grow.seeding_ref     ? 
_exptl_crystal_grow.temp_details    ? 
_exptl_crystal_grow.temp_esd        ? 
_exptl_crystal_grow.time            ? 
_exptl_crystal_grow.pdbx_details    
'MPD, SODIUM CACODYLATE TRIHYDRATE, SPERMINE TETRACHLORIDE, SODIUM CHLROIDE, MAGNESIUM HEXAHYDRATE' 
_exptl_crystal_grow.pdbx_pH_range   ? 
_exptl_crystal_grow.temp            298 
# 
_diffrn.ambient_environment              ? 
_diffrn.ambient_temp                     100 
_diffrn.ambient_temp_details             ? 
_diffrn.ambient_temp_esd                 ? 
_diffrn.crystal_id                       1 
_diffrn.crystal_support                  ? 
_diffrn.crystal_treatment                ? 
_diffrn.details                          ? 
_diffrn.id                               1 
_diffrn.ambient_pressure                 ? 
_diffrn.ambient_pressure_esd             ? 
_diffrn.ambient_pressure_gt              ? 
_diffrn.ambient_pressure_lt              ? 
_diffrn.ambient_temp_gt                  ? 
_diffrn.ambient_temp_lt                  ? 
_diffrn.pdbx_serial_crystal_experiment   N 
# 
_diffrn_detector.details                      ? 
_diffrn_detector.detector                     PIXEL 
_diffrn_detector.diffrn_id                    1 
_diffrn_detector.type                         'DECTRIS EIGER X 9M' 
_diffrn_detector.area_resol_mean              ? 
_diffrn_detector.dtime                        ? 
_diffrn_detector.pdbx_frames_total            ? 
_diffrn_detector.pdbx_collection_time_total   ? 
_diffrn_detector.pdbx_collection_date         2022-06-07 
_diffrn_detector.pdbx_frequency               ? 
_diffrn_detector.id                           ? 
_diffrn_detector.number_of_axes               ? 
# 
_diffrn_radiation.collimation                      ? 
_diffrn_radiation.diffrn_id                        1 
_diffrn_radiation.filter_edge                      ? 
_diffrn_radiation.inhomogeneity                    ? 
_diffrn_radiation.monochromator                    ? 
_diffrn_radiation.polarisn_norm                    ? 
_diffrn_radiation.polarisn_ratio                   ? 
_diffrn_radiation.probe                            ? 
_diffrn_radiation.type                             ? 
_diffrn_radiation.xray_symbol                      ? 
_diffrn_radiation.wavelength_id                    1 
_diffrn_radiation.pdbx_monochromatic_or_laue_m_l   M 
_diffrn_radiation.pdbx_wavelength_list             ? 
_diffrn_radiation.pdbx_wavelength                  ? 
_diffrn_radiation.pdbx_diffrn_protocol             'SINGLE WAVELENGTH' 
_diffrn_radiation.pdbx_analyzer                    ? 
_diffrn_radiation.pdbx_scattering_type             x-ray 
# 
_diffrn_radiation_wavelength.id           1 
_diffrn_radiation_wavelength.wavelength   1 
_diffrn_radiation_wavelength.wt           1.0 
# 
_diffrn_source.current                     ? 
_diffrn_source.details                     ? 
_diffrn_source.diffrn_id                   1 
_diffrn_source.power                       ? 
_diffrn_source.size                        ? 
_diffrn_source.source                      SYNCHROTRON 
_diffrn_source.target                      ? 
_diffrn_source.type                        'NSLS-II BEAMLINE 17-ID-1' 
_diffrn_source.voltage                     ? 
_diffrn_source.take-off_angle              ? 
_diffrn_source.pdbx_wavelength_list        1 
_diffrn_source.pdbx_wavelength             ? 
_diffrn_source.pdbx_synchrotron_beamline   17-ID-1 
_diffrn_source.pdbx_synchrotron_site       NSLS-II 
# 
_reflns.B_iso_Wilson_estimate                          42.54 
_reflns.entry_id                                       8FDP 
_reflns.data_reduction_details                         ? 
_reflns.data_reduction_method                          ? 
_reflns.d_resolution_high                              1.88 
_reflns.d_resolution_low                               23.34 
_reflns.details                                        ? 
_reflns.limit_h_max                                    ? 
_reflns.limit_h_min                                    ? 
_reflns.limit_k_max                                    ? 
_reflns.limit_k_min                                    ? 
_reflns.limit_l_max                                    ? 
_reflns.limit_l_min                                    ? 
_reflns.number_all                                     ? 
_reflns.number_obs                                     5921 
_reflns.observed_criterion                             ? 
_reflns.observed_criterion_F_max                       ? 
_reflns.observed_criterion_F_min                       ? 
_reflns.observed_criterion_I_max                       ? 
_reflns.observed_criterion_I_min                       ? 
_reflns.observed_criterion_sigma_F                     ? 
_reflns.observed_criterion_sigma_I                     ? 
_reflns.percent_possible_obs                           99.5 
_reflns.R_free_details                                 ? 
_reflns.Rmerge_F_all                                   ? 
_reflns.Rmerge_F_obs                                   ? 
_reflns.Friedel_coverage                               ? 
_reflns.number_gt                                      ? 
_reflns.threshold_expression                           ? 
_reflns.pdbx_redundancy                                2 
_reflns.pdbx_netI_over_av_sigmaI                       ? 
_reflns.pdbx_netI_over_sigmaI                          25 
_reflns.pdbx_res_netI_over_av_sigmaI_2                 ? 
_reflns.pdbx_res_netI_over_sigmaI_2                    ? 
_reflns.pdbx_chi_squared                               ? 
_reflns.pdbx_scaling_rejects                           ? 
_reflns.pdbx_d_res_high_opt                            ? 
_reflns.pdbx_d_res_low_opt                             ? 
_reflns.pdbx_d_res_opt_method                          ? 
_reflns.phase_calculation_details                      ? 
_reflns.pdbx_Rrim_I_all                                ? 
_reflns.pdbx_Rpim_I_all                                ? 
_reflns.pdbx_d_opt                                     ? 
_reflns.pdbx_number_measured_all                       ? 
_reflns.pdbx_diffrn_id                                 1 
_reflns.pdbx_ordinal                                   1 
_reflns.pdbx_CC_half                                   1 
_reflns.pdbx_CC_star                                   ? 
_reflns.pdbx_R_split                                   ? 
_reflns.pdbx_Rmerge_I_obs                              0.01009 
_reflns.pdbx_Rmerge_I_all                              ? 
_reflns.pdbx_Rsym_value                                ? 
_reflns.pdbx_CC_split_method                           ? 
_reflns.pdbx_aniso_diffraction_limit_axis_1_ortho[1]   ? 
_reflns.pdbx_aniso_diffraction_limit_axis_1_ortho[2]   ? 
_reflns.pdbx_aniso_diffraction_limit_axis_1_ortho[3]   ? 
_reflns.pdbx_aniso_diffraction_limit_axis_2_ortho[1]   ? 
_reflns.pdbx_aniso_diffraction_limit_axis_2_ortho[2]   ? 
_reflns.pdbx_aniso_diffraction_limit_axis_2_ortho[3]   ? 
_reflns.pdbx_aniso_diffraction_limit_axis_3_ortho[1]   ? 
_reflns.pdbx_aniso_diffraction_limit_axis_3_ortho[2]   ? 
_reflns.pdbx_aniso_diffraction_limit_axis_3_ortho[3]   ? 
_reflns.pdbx_aniso_diffraction_limit_1                 ? 
_reflns.pdbx_aniso_diffraction_limit_2                 ? 
_reflns.pdbx_aniso_diffraction_limit_3                 ? 
_reflns.pdbx_aniso_B_tensor_eigenvector_1_ortho[1]     ? 
_reflns.pdbx_aniso_B_tensor_eigenvector_1_ortho[2]     ? 
_reflns.pdbx_aniso_B_tensor_eigenvector_1_ortho[3]     ? 
_reflns.pdbx_aniso_B_tensor_eigenvector_2_ortho[1]     ? 
_reflns.pdbx_aniso_B_tensor_eigenvector_2_ortho[2]     ? 
_reflns.pdbx_aniso_B_tensor_eigenvector_2_ortho[3]     ? 
_reflns.pdbx_aniso_B_tensor_eigenvector_3_ortho[1]     ? 
_reflns.pdbx_aniso_B_tensor_eigenvector_3_ortho[2]     ? 
_reflns.pdbx_aniso_B_tensor_eigenvector_3_ortho[3]     ? 
_reflns.pdbx_aniso_B_tensor_eigenvalue_1               ? 
_reflns.pdbx_aniso_B_tensor_eigenvalue_2               ? 
_reflns.pdbx_aniso_B_tensor_eigenvalue_3               ? 
_reflns.pdbx_orthogonalization_convention              ? 
_reflns.pdbx_percent_possible_ellipsoidal              ? 
_reflns.pdbx_percent_possible_spherical                ? 
_reflns.pdbx_percent_possible_ellipsoidal_anomalous    ? 
_reflns.pdbx_percent_possible_spherical_anomalous      ? 
_reflns.pdbx_redundancy_anomalous                      ? 
_reflns.pdbx_CC_half_anomalous                         ? 
_reflns.pdbx_absDiff_over_sigma_anomalous              ? 
_reflns.pdbx_percent_possible_anomalous                ? 
_reflns.pdbx_observed_signal_threshold                 ? 
_reflns.pdbx_signal_type                               ? 
_reflns.pdbx_signal_details                            ? 
_reflns.pdbx_signal_software_id                        ? 
# 
_reflns_shell.d_res_high                                    1.88 
_reflns_shell.d_res_low                                     1.95 
_reflns_shell.meanI_over_sigI_all                           ? 
_reflns_shell.meanI_over_sigI_obs                           ? 
_reflns_shell.number_measured_all                           ? 
_reflns_shell.number_measured_obs                           ? 
_reflns_shell.number_possible                               ? 
_reflns_shell.number_unique_all                             ? 
_reflns_shell.number_unique_obs                             577 
_reflns_shell.percent_possible_obs                          ? 
_reflns_shell.Rmerge_F_all                                  ? 
_reflns_shell.Rmerge_F_obs                                  ? 
_reflns_shell.meanI_over_sigI_gt                            ? 
_reflns_shell.meanI_over_uI_all                             ? 
_reflns_shell.meanI_over_uI_gt                              ? 
_reflns_shell.number_measured_gt                            ? 
_reflns_shell.number_unique_gt                              ? 
_reflns_shell.percent_possible_gt                           ? 
_reflns_shell.Rmerge_F_gt                                   ? 
_reflns_shell.Rmerge_I_gt                                   ? 
_reflns_shell.pdbx_redundancy                               ? 
_reflns_shell.pdbx_chi_squared                              ? 
_reflns_shell.pdbx_netI_over_sigmaI_all                     ? 
_reflns_shell.pdbx_netI_over_sigmaI_obs                     ? 
_reflns_shell.pdbx_Rrim_I_all                               ? 
_reflns_shell.pdbx_Rpim_I_all                               ? 
_reflns_shell.pdbx_rejects                                  ? 
_reflns_shell.pdbx_ordinal                                  1 
_reflns_shell.pdbx_diffrn_id                                1 
_reflns_shell.pdbx_CC_half                                  0.995 
_reflns_shell.pdbx_CC_star                                  ? 
_reflns_shell.pdbx_R_split                                  ? 
_reflns_shell.percent_possible_all                          ? 
_reflns_shell.Rmerge_I_all                                  ? 
_reflns_shell.Rmerge_I_obs                                  ? 
_reflns_shell.pdbx_Rsym_value                               ? 
_reflns_shell.pdbx_percent_possible_ellipsoidal             ? 
_reflns_shell.pdbx_percent_possible_spherical               ? 
_reflns_shell.pdbx_percent_possible_ellipsoidal_anomalous   ? 
_reflns_shell.pdbx_percent_possible_spherical_anomalous     ? 
_reflns_shell.pdbx_redundancy_anomalous                     ? 
_reflns_shell.pdbx_CC_half_anomalous                        ? 
_reflns_shell.pdbx_absDiff_over_sigma_anomalous             ? 
_reflns_shell.pdbx_percent_possible_anomalous               ? 
# 
_refine.aniso_B[1][1]                            ? 
_refine.aniso_B[1][2]                            ? 
_refine.aniso_B[1][3]                            ? 
_refine.aniso_B[2][2]                            ? 
_refine.aniso_B[2][3]                            ? 
_refine.aniso_B[3][3]                            ? 
_refine.B_iso_max                                ? 
_refine.B_iso_mean                               39.41 
_refine.B_iso_min                                ? 
_refine.correlation_coeff_Fo_to_Fc               ? 
_refine.correlation_coeff_Fo_to_Fc_free          ? 
_refine.details                                  ? 
_refine.diff_density_max                         ? 
_refine.diff_density_max_esd                     ? 
_refine.diff_density_min                         ? 
_refine.diff_density_min_esd                     ? 
_refine.diff_density_rms                         ? 
_refine.diff_density_rms_esd                     ? 
_refine.entry_id                                 8FDP 
_refine.pdbx_refine_id                           'X-RAY DIFFRACTION' 
_refine.ls_abs_structure_details                 ? 
_refine.ls_abs_structure_Flack                   ? 
_refine.ls_abs_structure_Flack_esd               ? 
_refine.ls_abs_structure_Rogers                  ? 
_refine.ls_abs_structure_Rogers_esd              ? 
_refine.ls_d_res_high                            1.88 
_refine.ls_d_res_low                             23.34 
_refine.ls_extinction_coef                       ? 
_refine.ls_extinction_coef_esd                   ? 
_refine.ls_extinction_expression                 ? 
_refine.ls_extinction_method                     ? 
_refine.ls_goodness_of_fit_all                   ? 
_refine.ls_goodness_of_fit_all_esd               ? 
_refine.ls_goodness_of_fit_obs                   ? 
_refine.ls_goodness_of_fit_obs_esd               ? 
_refine.ls_hydrogen_treatment                    ? 
_refine.ls_matrix_type                           ? 
_refine.ls_number_constraints                    ? 
_refine.ls_number_parameters                     ? 
_refine.ls_number_reflns_all                     ? 
_refine.ls_number_reflns_obs                     5904 
_refine.ls_number_reflns_R_free                  590 
_refine.ls_number_reflns_R_work                  5314 
_refine.ls_number_restraints                     ? 
_refine.ls_percent_reflns_obs                    99.60 
_refine.ls_percent_reflns_R_free                 9.99 
_refine.ls_R_factor_all                          ? 
_refine.ls_R_factor_obs                          0.2491 
_refine.ls_R_factor_R_free                       0.2764 
_refine.ls_R_factor_R_free_error                 ? 
_refine.ls_R_factor_R_free_error_details         ? 
_refine.ls_R_factor_R_work                       0.2462 
_refine.ls_R_Fsqd_factor_obs                     ? 
_refine.ls_R_I_factor_obs                        ? 
_refine.ls_redundancy_reflns_all                 ? 
_refine.ls_redundancy_reflns_obs                 ? 
_refine.ls_restrained_S_all                      ? 
_refine.ls_restrained_S_obs                      ? 
_refine.ls_shift_over_esd_max                    ? 
_refine.ls_shift_over_esd_mean                   ? 
_refine.ls_structure_factor_coef                 ? 
_refine.ls_weighting_details                     ? 
_refine.ls_weighting_scheme                      ? 
_refine.ls_wR_factor_all                         ? 
_refine.ls_wR_factor_obs                         ? 
_refine.ls_wR_factor_R_free                      ? 
_refine.ls_wR_factor_R_work                      ? 
_refine.occupancy_max                            ? 
_refine.occupancy_min                            ? 
_refine.solvent_model_details                    'FLAT BULK SOLVENT MODEL' 
_refine.solvent_model_param_bsol                 ? 
_refine.solvent_model_param_ksol                 ? 
_refine.pdbx_R_complete                          ? 
_refine.ls_R_factor_gt                           ? 
_refine.ls_goodness_of_fit_gt                    ? 
_refine.ls_goodness_of_fit_ref                   ? 
_refine.ls_shift_over_su_max                     ? 
_refine.ls_shift_over_su_max_lt                  ? 
_refine.ls_shift_over_su_mean                    ? 
_refine.ls_shift_over_su_mean_lt                 ? 
_refine.pdbx_ls_sigma_I                          ? 
_refine.pdbx_ls_sigma_F                          1.36 
_refine.pdbx_ls_sigma_Fsqd                       ? 
_refine.pdbx_data_cutoff_high_absF               ? 
_refine.pdbx_data_cutoff_high_rms_absF           ? 
_refine.pdbx_data_cutoff_low_absF                ? 
_refine.pdbx_isotropic_thermal_model             ? 
_refine.pdbx_ls_cross_valid_method               'FREE R-VALUE' 
_refine.pdbx_method_to_determine_struct          'MOLECULAR REPLACEMENT' 
_refine.pdbx_starting_model                      ? 
_refine.pdbx_stereochemistry_target_values       'GeoStd + Monomer Library + CDL v1.2' 
_refine.pdbx_R_Free_selection_details            ? 
_refine.pdbx_stereochem_target_val_spec_case     ? 
_refine.pdbx_overall_ESU_R                       ? 
_refine.pdbx_overall_ESU_R_Free                  ? 
_refine.pdbx_solvent_vdw_probe_radii             1.1100 
_refine.pdbx_solvent_ion_probe_radii             ? 
_refine.pdbx_solvent_shrinkage_radii             0.9000 
_refine.pdbx_real_space_R                        ? 
_refine.pdbx_density_correlation                 ? 
_refine.pdbx_pd_number_of_powder_patterns        ? 
_refine.pdbx_pd_number_of_points                 ? 
_refine.pdbx_pd_meas_number_of_points            ? 
_refine.pdbx_pd_proc_ls_prof_R_factor            ? 
_refine.pdbx_pd_proc_ls_prof_wR_factor           ? 
_refine.pdbx_pd_Marquardt_correlation_coeff      ? 
_refine.pdbx_pd_Fsqrd_R_factor                   ? 
_refine.pdbx_pd_ls_matrix_band_width             ? 
_refine.pdbx_overall_phase_error                 34.3418 
_refine.pdbx_overall_SU_R_free_Cruickshank_DPI   ? 
_refine.pdbx_overall_SU_R_free_Blow_DPI          ? 
_refine.pdbx_overall_SU_R_Blow_DPI               ? 
_refine.pdbx_TLS_residual_ADP_flag               ? 
_refine.pdbx_diffrn_id                           1 
_refine.overall_SU_B                             ? 
_refine.overall_SU_ML                            0.2564 
_refine.overall_SU_R_Cruickshank_DPI             ? 
_refine.overall_SU_R_free                        ? 
_refine.overall_FOM_free_R_set                   ? 
_refine.overall_FOM_work_R_set                   ? 
_refine.pdbx_average_fsc_overall                 ? 
_refine.pdbx_average_fsc_work                    ? 
_refine.pdbx_average_fsc_free                    ? 
# 
_refine_hist.pdbx_refine_id                   'X-RAY DIFFRACTION' 
_refine_hist.cycle_id                         LAST 
_refine_hist.details                          ? 
_refine_hist.d_res_high                       1.88 
_refine_hist.d_res_low                        23.34 
_refine_hist.number_atoms_solvent             28 
_refine_hist.number_atoms_total               514 
_refine_hist.number_reflns_all                ? 
_refine_hist.number_reflns_obs                ? 
_refine_hist.number_reflns_R_free             ? 
_refine_hist.number_reflns_R_work             ? 
_refine_hist.R_factor_all                     ? 
_refine_hist.R_factor_obs                     ? 
_refine_hist.R_factor_R_free                  ? 
_refine_hist.R_factor_R_work                  ? 
_refine_hist.pdbx_number_residues_total       ? 
_refine_hist.pdbx_B_iso_mean_ligand           ? 
_refine_hist.pdbx_B_iso_mean_solvent          ? 
_refine_hist.pdbx_number_atoms_protein        0 
_refine_hist.pdbx_number_atoms_nucleic_acid   486 
_refine_hist.pdbx_number_atoms_ligand         0 
_refine_hist.pdbx_number_atoms_lipid          ? 
_refine_hist.pdbx_number_atoms_carb           ? 
_refine_hist.pdbx_pseudo_atom_details         ? 
# 
loop_
_refine_ls_restr.pdbx_refine_id 
_refine_ls_restr.criterion 
_refine_ls_restr.dev_ideal 
_refine_ls_restr.dev_ideal_target 
_refine_ls_restr.number 
_refine_ls_restr.rejects 
_refine_ls_restr.type 
_refine_ls_restr.weight 
_refine_ls_restr.pdbx_restraint_function 
'X-RAY DIFFRACTION' ? 0.0109  ? 544 ? f_bond_d           ? ? 
'X-RAY DIFFRACTION' ? 1.2475  ? 836 ? f_angle_d          ? ? 
'X-RAY DIFFRACTION' ? 0.0705  ? 94  ? f_chiral_restr     ? ? 
'X-RAY DIFFRACTION' ? 0.0109  ? 24  ? f_plane_restr      ? ? 
'X-RAY DIFFRACTION' ? 31.9694 ? 232 ? f_dihedral_angle_d ? ? 
# 
_refine_ls_restr_ncs.pdbx_refine_id      'X-RAY DIFFRACTION' 
_refine_ls_restr_ncs.dom_id              d_2 
_refine_ls_restr_ncs.ncs_model_details   ? 
_refine_ls_restr_ncs.rms_dev_B_iso       ? 
_refine_ls_restr_ncs.rms_dev_position    1.886903761 
_refine_ls_restr_ncs.weight_B_iso        ? 
_refine_ls_restr_ncs.weight_position     ? 
_refine_ls_restr_ncs.pdbx_ordinal        1 
_refine_ls_restr_ncs.pdbx_type           'Torsion NCS' 
_refine_ls_restr_ncs.pdbx_asym_id        ? 
_refine_ls_restr_ncs.pdbx_auth_asym_id   B 
_refine_ls_restr_ncs.pdbx_number         ? 
_refine_ls_restr_ncs.pdbx_rms            ? 
_refine_ls_restr_ncs.pdbx_weight         ? 
_refine_ls_restr_ncs.pdbx_ens_id         ens_1 
# 
loop_
_refine_ls_shell.pdbx_refine_id 
_refine_ls_shell.d_res_high 
_refine_ls_shell.d_res_low 
_refine_ls_shell.number_reflns_all 
_refine_ls_shell.number_reflns_obs 
_refine_ls_shell.number_reflns_R_free 
_refine_ls_shell.number_reflns_R_work 
_refine_ls_shell.percent_reflns_obs 
_refine_ls_shell.percent_reflns_R_free 
_refine_ls_shell.R_factor_all 
_refine_ls_shell.R_factor_obs 
_refine_ls_shell.R_factor_R_free_error 
_refine_ls_shell.R_factor_R_work 
_refine_ls_shell.redundancy_reflns_all 
_refine_ls_shell.redundancy_reflns_obs 
_refine_ls_shell.wR_factor_all 
_refine_ls_shell.wR_factor_obs 
_refine_ls_shell.wR_factor_R_free 
_refine_ls_shell.wR_factor_R_work 
_refine_ls_shell.pdbx_R_complete 
_refine_ls_shell.pdbx_total_number_of_bins_used 
_refine_ls_shell.pdbx_phase_error 
_refine_ls_shell.pdbx_fsc_work 
_refine_ls_shell.pdbx_fsc_free 
_refine_ls_shell.R_factor_R_free 
'X-RAY DIFFRACTION' 1.88 2.07  . . 145 1300 99.86 . . . . 0.2905 . . . . . . . . . . . 0.3419 
'X-RAY DIFFRACTION' 2.07 2.37  . . 143 1290 99.86 . . . . 0.2952 . . . . . . . . . . . 0.3495 
'X-RAY DIFFRACTION' 2.37 2.98  . . 147 1336 99.87 . . . . 0.3497 . . . . . . . . . . . 0.3466 
'X-RAY DIFFRACTION' 2.98 23.34 . . 155 1388 98.85 . . . . 0.2076 . . . . . . . . . . . 0.2369 
# 
_struct_ncs_oper.id             1 
_struct_ncs_oper.code           given 
_struct_ncs_oper.matrix[1][1]   -0.071681957292 
_struct_ncs_oper.matrix[1][2]   0.00089579245 
_struct_ncs_oper.matrix[1][3]   0.997427137467 
_struct_ncs_oper.matrix[2][1]   -0.021402029075 
_struct_ncs_oper.matrix[2][2]   -0.999770745370 
_struct_ncs_oper.matrix[2][3]   -0.000640199396 
_struct_ncs_oper.matrix[3][1]   0.997197899190 
_struct_ncs_oper.matrix[3][2]   -0.021392855342 
_struct_ncs_oper.matrix[3][3]   0.071684695647 
_struct_ncs_oper.vector[1]      0.0913225734 
_struct_ncs_oper.vector[2]      -0.2932249664 
_struct_ncs_oper.vector[3]      0.2829437212 
_struct_ncs_oper.details        ? 
# 
loop_
_struct_ncs_dom.pdbx_ens_id 
_struct_ncs_dom.id 
_struct_ncs_dom.details 
ens_1 d_1 
;chain "B"
;
ens_1 d_2 
;chain "C"
;
# 
loop_
_struct_ncs_dom_lim.pdbx_ens_id 
_struct_ncs_dom_lim.dom_id 
_struct_ncs_dom_lim.pdbx_component_id 
_struct_ncs_dom_lim.beg_label_alt_id 
_struct_ncs_dom_lim.beg_label_asym_id 
_struct_ncs_dom_lim.beg_label_comp_id 
_struct_ncs_dom_lim.beg_label_seq_id 
_struct_ncs_dom_lim.end_label_alt_id 
_struct_ncs_dom_lim.end_label_asym_id 
_struct_ncs_dom_lim.end_label_comp_id 
_struct_ncs_dom_lim.end_label_seq_id 
_struct_ncs_dom_lim.beg_auth_asym_id 
_struct_ncs_dom_lim.beg_auth_seq_id 
_struct_ncs_dom_lim.end_auth_asym_id 
_struct_ncs_dom_lim.end_auth_seq_id 
_struct_ncs_dom_lim.pdbx_refine_code 
_struct_ncs_dom_lim.selection_details 
_struct_ncs_dom_lim.beg_auth_comp_id 
_struct_ncs_dom_lim.end_auth_comp_id 
ens_1 d_1 1 . A DC . . A DG . ? ? ? ? ? ? ? ? 
ens_1 d_2 1 . B DC . . B DG . ? ? ? ? ? ? ? ? 
# 
_struct_ncs_ens.id        ens_1 
_struct_ncs_ens.details   ? 
# 
_struct_ncs_ens_gen.ens_id     ens_1 
_struct_ncs_ens_gen.dom_id_1   d_2 
_struct_ncs_ens_gen.dom_id_2   d_1 
_struct_ncs_ens_gen.oper_id    1 
# 
_struct.entry_id                     8FDP 
_struct.title                        
;The native structure of a dodecamer: 5'-CGCAAATTTGCG-3
;
_struct.pdbx_model_details           ? 
_struct.pdbx_formula_weight          ? 
_struct.pdbx_formula_weight_method   ? 
_struct.pdbx_model_type_details      ? 
_struct.pdbx_CASP_flag               N 
# 
_struct_keywords.entry_id        8FDP 
_struct_keywords.text            'DNA, AT sequence, Minor groove' 
_struct_keywords.pdbx_keywords   DNA 
# 
loop_
_struct_asym.id 
_struct_asym.pdbx_blank_PDB_chainid_flag 
_struct_asym.pdbx_modified 
_struct_asym.entity_id 
_struct_asym.details 
A N N 1 ? 
B N N 1 ? 
C N N 2 ? 
D N N 2 ? 
# 
loop_
_struct_conn.id 
_struct_conn.conn_type_id 
_struct_conn.pdbx_leaving_atom_flag 
_struct_conn.pdbx_PDB_id 
_struct_conn.ptnr1_label_asym_id 
_struct_conn.ptnr1_label_comp_id 
_struct_conn.ptnr1_label_seq_id 
_struct_conn.ptnr1_label_atom_id 
_struct_conn.pdbx_ptnr1_label_alt_id 
_struct_conn.pdbx_ptnr1_PDB_ins_code 
_struct_conn.pdbx_ptnr1_standard_comp_id 
_struct_conn.ptnr1_symmetry 
_struct_conn.ptnr2_label_asym_id 
_struct_conn.ptnr2_label_comp_id 
_struct_conn.ptnr2_label_seq_id 
_struct_conn.ptnr2_label_atom_id 
_struct_conn.pdbx_ptnr2_label_alt_id 
_struct_conn.pdbx_ptnr2_PDB_ins_code 
_struct_conn.ptnr1_auth_asym_id 
_struct_conn.ptnr1_auth_comp_id 
_struct_conn.ptnr1_auth_seq_id 
_struct_conn.ptnr2_auth_asym_id 
_struct_conn.ptnr2_auth_comp_id 
_struct_conn.ptnr2_auth_seq_id 
_struct_conn.ptnr2_symmetry 
_struct_conn.pdbx_ptnr3_label_atom_id 
_struct_conn.pdbx_ptnr3_label_seq_id 
_struct_conn.pdbx_ptnr3_label_comp_id 
_struct_conn.pdbx_ptnr3_label_asym_id 
_struct_conn.pdbx_ptnr3_label_alt_id 
_struct_conn.pdbx_ptnr3_PDB_ins_code 
_struct_conn.details 
_struct_conn.pdbx_dist_value 
_struct_conn.pdbx_value_order 
_struct_conn.pdbx_role 
hydrog1  hydrog ? ? A DC 1  N3 ? ? ? 1_555 B DG 12 N1 ? ? B DC 1  C DG 24 1_555 ? ? ? ? ? ? WATSON-CRICK ? ? ? 
hydrog2  hydrog ? ? A DC 1  N4 ? ? ? 1_555 B DG 12 O6 ? ? B DC 1  C DG 24 1_555 ? ? ? ? ? ? WATSON-CRICK ? ? ? 
hydrog3  hydrog ? ? A DC 1  O2 ? ? ? 1_555 B DG 12 N2 ? ? B DC 1  C DG 24 1_555 ? ? ? ? ? ? WATSON-CRICK ? ? ? 
hydrog4  hydrog ? ? A DG 2  N1 ? ? ? 1_555 B DC 11 N3 ? ? B DG 2  C DC 23 1_555 ? ? ? ? ? ? WATSON-CRICK ? ? ? 
hydrog5  hydrog ? ? A DG 2  N2 ? ? ? 1_555 B DC 11 O2 ? ? B DG 2  C DC 23 1_555 ? ? ? ? ? ? WATSON-CRICK ? ? ? 
hydrog6  hydrog ? ? A DG 2  O6 ? ? ? 1_555 B DC 11 N4 ? ? B DG 2  C DC 23 1_555 ? ? ? ? ? ? WATSON-CRICK ? ? ? 
hydrog7  hydrog ? ? A DC 3  N3 ? ? ? 1_555 B DG 10 N1 ? ? B DC 3  C DG 22 1_555 ? ? ? ? ? ? WATSON-CRICK ? ? ? 
hydrog8  hydrog ? ? A DC 3  N4 ? ? ? 1_555 B DG 10 O6 ? ? B DC 3  C DG 22 1_555 ? ? ? ? ? ? WATSON-CRICK ? ? ? 
hydrog9  hydrog ? ? A DC 3  O2 ? ? ? 1_555 B DG 10 N2 ? ? B DC 3  C DG 22 1_555 ? ? ? ? ? ? WATSON-CRICK ? ? ? 
hydrog10 hydrog ? ? A DA 4  N1 ? ? ? 1_555 B DT 9  N3 ? ? B DA 4  C DT 21 1_555 ? ? ? ? ? ? WATSON-CRICK ? ? ? 
hydrog11 hydrog ? ? A DA 4  N6 ? ? ? 1_555 B DT 9  O4 ? ? B DA 4  C DT 21 1_555 ? ? ? ? ? ? WATSON-CRICK ? ? ? 
hydrog12 hydrog ? ? A DA 5  N1 ? ? ? 1_555 B DT 8  N3 ? ? B DA 5  C DT 20 1_555 ? ? ? ? ? ? WATSON-CRICK ? ? ? 
hydrog13 hydrog ? ? A DA 5  N6 ? ? ? 1_555 B DT 8  O4 ? ? B DA 5  C DT 20 1_555 ? ? ? ? ? ? WATSON-CRICK ? ? ? 
hydrog14 hydrog ? ? A DA 6  N1 ? ? ? 1_555 B DT 7  N3 ? ? B DA 6  C DT 19 1_555 ? ? ? ? ? ? WATSON-CRICK ? ? ? 
hydrog15 hydrog ? ? A DA 6  N6 ? ? ? 1_555 B DT 7  O4 ? ? B DA 6  C DT 19 1_555 ? ? ? ? ? ? WATSON-CRICK ? ? ? 
hydrog16 hydrog ? ? A DT 7  N3 ? ? ? 1_555 B DA 6  N1 ? ? B DT 7  C DA 18 1_555 ? ? ? ? ? ? WATSON-CRICK ? ? ? 
hydrog17 hydrog ? ? A DT 7  O4 ? ? ? 1_555 B DA 6  N6 ? ? B DT 7  C DA 18 1_555 ? ? ? ? ? ? WATSON-CRICK ? ? ? 
hydrog18 hydrog ? ? A DT 8  N3 ? ? ? 1_555 B DA 5  N1 ? ? B DT 8  C DA 17 1_555 ? ? ? ? ? ? WATSON-CRICK ? ? ? 
hydrog19 hydrog ? ? A DT 8  O4 ? ? ? 1_555 B DA 5  N6 ? ? B DT 8  C DA 17 1_555 ? ? ? ? ? ? WATSON-CRICK ? ? ? 
hydrog20 hydrog ? ? A DT 9  N3 ? ? ? 1_555 B DA 4  N1 ? ? B DT 9  C DA 16 1_555 ? ? ? ? ? ? WATSON-CRICK ? ? ? 
hydrog21 hydrog ? ? A DT 9  O4 ? ? ? 1_555 B DA 4  N6 ? ? B DT 9  C DA 16 1_555 ? ? ? ? ? ? WATSON-CRICK ? ? ? 
hydrog22 hydrog ? ? A DG 10 N1 ? ? ? 1_555 B DC 3  N3 ? ? B DG 10 C DC 15 1_555 ? ? ? ? ? ? WATSON-CRICK ? ? ? 
hydrog23 hydrog ? ? A DG 10 N2 ? ? ? 1_555 B DC 3  O2 ? ? B DG 10 C DC 15 1_555 ? ? ? ? ? ? WATSON-CRICK ? ? ? 
hydrog24 hydrog ? ? A DG 10 O6 ? ? ? 1_555 B DC 3  N4 ? ? B DG 10 C DC 15 1_555 ? ? ? ? ? ? WATSON-CRICK ? ? ? 
hydrog25 hydrog ? ? A DC 11 N3 ? ? ? 1_555 B DG 2  N1 ? ? B DC 11 C DG 14 1_555 ? ? ? ? ? ? WATSON-CRICK ? ? ? 
hydrog26 hydrog ? ? A DC 11 N4 ? ? ? 1_555 B DG 2  O6 ? ? B DC 11 C DG 14 1_555 ? ? ? ? ? ? WATSON-CRICK ? ? ? 
hydrog27 hydrog ? ? A DC 11 O2 ? ? ? 1_555 B DG 2  N2 ? ? B DC 11 C DG 14 1_555 ? ? ? ? ? ? WATSON-CRICK ? ? ? 
hydrog28 hydrog ? ? A DG 12 N1 ? ? ? 1_555 B DC 1  N3 ? ? B DG 12 C DC 13 1_555 ? ? ? ? ? ? WATSON-CRICK ? ? ? 
hydrog29 hydrog ? ? A DG 12 N2 ? ? ? 1_555 B DC 1  O2 ? ? B DG 12 C DC 13 1_555 ? ? ? ? ? ? WATSON-CRICK ? ? ? 
hydrog30 hydrog ? ? A DG 12 O6 ? ? ? 1_555 B DC 1  N4 ? ? B DG 12 C DC 13 1_555 ? ? ? ? ? ? WATSON-CRICK ? ? ? 
# 
_struct_conn_type.id          hydrog 
_struct_conn_type.criteria    ? 
_struct_conn_type.reference   ? 
# 
_atom_sites.entry_id                    8FDP 
_atom_sites.Cartn_transf_matrix[1][1]   ? 
_atom_sites.Cartn_transf_matrix[1][2]   ? 
_atom_sites.Cartn_transf_matrix[1][3]   ? 
_atom_sites.Cartn_transf_matrix[2][1]   ? 
_atom_sites.Cartn_transf_matrix[2][2]   ? 
_atom_sites.Cartn_transf_matrix[2][3]   ? 
_atom_sites.Cartn_transf_matrix[3][1]   ? 
_atom_sites.Cartn_transf_matrix[3][2]   ? 
_atom_sites.Cartn_transf_matrix[3][3]   ? 
_atom_sites.Cartn_transf_vector[1]      ? 
_atom_sites.Cartn_transf_vector[2]      ? 
_atom_sites.Cartn_transf_vector[3]      ? 
_atom_sites.fract_transf_matrix[1][1]   -0.01571117 
_atom_sites.fract_transf_matrix[1][2]   -0.00019771 
_atom_sites.fract_transf_matrix[1][3]   -0.03682501 
_atom_sites.fract_transf_matrix[2][1]   0.02213445 
_atom_sites.fract_transf_matrix[2][2]   0.00109507 
_atom_sites.fract_transf_matrix[2][3]   -0.00944941 
_atom_sites.fract_transf_matrix[3][1]   0.00066836 
_atom_sites.fract_transf_matrix[3][2]   -0.01526302 
_atom_sites.fract_transf_matrix[3][3]   -0.00020321 
_atom_sites.fract_transf_vector[1]      0.599121 
_atom_sites.fract_transf_vector[2]      0.513435 
_atom_sites.fract_transf_vector[3]      0.131144 
_atom_sites.solution_primary            ? 
_atom_sites.solution_secondary          ? 
_atom_sites.solution_hydrogens          ? 
_atom_sites.special_details             ? 
# 
loop_
_atom_type.symbol 
_atom_type.scat_dispersion_real 
_atom_type.scat_dispersion_imag 
_atom_type.scat_Cromer_Mann_a1 
_atom_type.scat_Cromer_Mann_a2 
_atom_type.scat_Cromer_Mann_a3 
_atom_type.scat_Cromer_Mann_a4 
_atom_type.scat_Cromer_Mann_b1 
_atom_type.scat_Cromer_Mann_b2 
_atom_type.scat_Cromer_Mann_b3 
_atom_type.scat_Cromer_Mann_b4 
_atom_type.scat_Cromer_Mann_c 
_atom_type.scat_source 
_atom_type.scat_dispersion_source 
C ? ? 3.54356 2.42580 ? ? 25.62398 1.50364  ? ? 0.0 
;2-Gaussian fit: Grosse-Kunstleve RW, Sauter NK, Adams PD: Newsletter of the IUCr Commission on Crystallographic Computing 2004, 3, 22-31.
;
? 
N ? ? 4.01032 2.96436 ? ? 19.97189 1.75589  ? ? 0.0 
;2-Gaussian fit: Grosse-Kunstleve RW, Sauter NK, Adams PD: Newsletter of the IUCr Commission on Crystallographic Computing 2004, 3, 22-31.
;
? 
O ? ? 4.49882 3.47563 ? ? 15.80542 1.70748  ? ? 0.0 
;2-Gaussian fit: Grosse-Kunstleve RW, Sauter NK, Adams PD: Newsletter of the IUCr Commission on Crystallographic Computing 2004, 3, 22-31.
;
? 
P ? ? 9.51135 5.44231 ? ? 1.42069  35.72801 ? ? 0.0 
;2-Gaussian fit: Grosse-Kunstleve RW, Sauter NK, Adams PD: Newsletter of the IUCr Commission on Crystallographic Computing 2004, 3, 22-31.
;
? 
# 
loop_
_atom_site.group_PDB 
_atom_site.id 
_atom_site.type_symbol 
_atom_site.label_atom_id 
_atom_site.label_alt_id 
_atom_site.label_comp_id 
_atom_site.label_asym_id 
_atom_site.label_entity_id 
_atom_site.label_seq_id 
_atom_site.pdbx_PDB_ins_code 
_atom_site.Cartn_x 
_atom_site.Cartn_y 
_atom_site.Cartn_z 
_atom_site.occupancy 
_atom_site.B_iso_or_equiv 
_atom_site.pdbx_formal_charge 
_atom_site.auth_seq_id 
_atom_site.auth_comp_id 
_atom_site.auth_asym_id 
_atom_site.auth_atom_id 
_atom_site.pdbx_PDB_model_num 
ATOM   1   O "O5'" . DC  A 1 1  ? 11.82137  -14.90792 -9.34223  1.000 57.33649 ? 1   DC  B "O5'" 1 
ATOM   2   C "C5'" . DC  A 1 1  ? 11.13656  -13.98385 -8.51784  1.000 48.44309 ? 1   DC  B "C5'" 1 
ATOM   3   C "C4'" . DC  A 1 1  ? 9.66983   -14.01096 -8.84103  1.000 49.04544 ? 1   DC  B "C4'" 1 
ATOM   4   O "O4'" . DC  A 1 1  ? 8.99019   -14.97767 -7.98526  1.000 45.52391 ? 1   DC  B "O4'" 1 
ATOM   5   C "C3'" . DC  A 1 1  ? 8.94953   -12.69337 -8.62103  1.000 49.71840 ? 1   DC  B "C3'" 1 
ATOM   6   O "O3'" . DC  A 1 1  ? 7.96261   -12.58194 -9.59237  1.000 57.00433 ? 1   DC  B "O3'" 1 
ATOM   7   C "C2'" . DC  A 1 1  ? 8.35932   -12.85102 -7.23541  1.000 45.96192 ? 1   DC  B "C2'" 1 
ATOM   8   C "C1'" . DC  A 1 1  ? 7.97480   -14.31929 -7.25441  1.000 44.89348 ? 1   DC  B "C1'" 1 
ATOM   9   N N1    . DC  A 1 1  ? 7.87906   -14.89875 -5.92860  1.000 40.27935 ? 1   DC  B N1    1 
ATOM   10  C C2    . DC  A 1 1  ? 6.70872   -15.55670 -5.55690  1.000 41.19747 ? 1   DC  B C2    1 
ATOM   11  O O2    . DC  A 1 1  ? 5.78778   -15.65376 -6.37774  1.000 36.93282 ? 1   DC  B O2    1 
ATOM   12  N N3    . DC  A 1 1  ? 6.61522   -16.07720 -4.31104  1.000 44.35399 ? 1   DC  B N3    1 
ATOM   13  C C4    . DC  A 1 1  ? 7.63163   -15.95243 -3.45941  1.000 48.16448 ? 1   DC  B C4    1 
ATOM   14  N N4    . DC  A 1 1  ? 7.49307   -16.48771 -2.23990  1.000 45.49506 ? 1   DC  B N4    1 
ATOM   15  C C5    . DC  A 1 1  ? 8.83454   -15.26412 -3.81917  1.000 43.37958 ? 1   DC  B C5    1 
ATOM   16  C C6    . DC  A 1 1  ? 8.91228   -14.76157 -5.05299  1.000 45.83117 ? 1   DC  B C6    1 
ATOM   17  P P     . DG  A 1 2  ? 7.31727   -11.16433 -9.97366  1.000 60.41764 ? 2   DG  B P     1 
ATOM   18  O OP1   . DG  A 1 2  ? 7.84093   -10.78520 -11.30199 1.000 57.55763 ? 2   DG  B OP1   1 
ATOM   19  O OP2   . DG  A 1 2  ? 7.38729   -10.21928 -8.82975  1.000 44.68192 ? 2   DG  B OP2   1 
ATOM   20  O "O5'" . DG  A 1 2  ? 5.78724   -11.54953 -10.06875 1.000 55.01243 ? 2   DG  B "O5'" 1 
ATOM   21  C "C5'" . DG  A 1 2  ? 5.38809   -12.67662 -10.85601 1.000 52.66745 ? 2   DG  B "C5'" 1 
ATOM   22  C "C4'" . DG  A 1 2  ? 3.94831   -12.97698 -10.54574 1.000 47.60832 ? 2   DG  B "C4'" 1 
ATOM   23  O "O4'" . DG  A 1 2  ? 3.88085   -13.65387 -9.26549  1.000 42.78139 ? 2   DG  B "O4'" 1 
ATOM   24  C "C3'" . DG  A 1 2  ? 3.14406   -11.69799 -10.41717 1.000 40.26467 ? 2   DG  B "C3'" 1 
ATOM   25  O "O3'" . DG  A 1 2  ? 1.96139   -11.73251 -11.14870 1.000 48.51152 ? 2   DG  B "O3'" 1 
ATOM   26  C "C2'" . DG  A 1 2  ? 2.88868   -11.55149 -8.92786  1.000 48.69302 ? 2   DG  B "C2'" 1 
ATOM   27  C "C1'" . DG  A 1 2  ? 3.03181   -12.96615 -8.38885  1.000 36.91698 ? 2   DG  B "C1'" 1 
ATOM   28  N N9    . DG  A 1 2  ? 3.64870   -12.98847 -7.05497  1.000 40.56606 ? 2   DG  B N9    1 
ATOM   29  C C8    . DG  A 1 2  ? 4.85672   -12.44704 -6.70195  1.000 42.28255 ? 2   DG  B C8    1 
ATOM   30  N N7    . DG  A 1 2  ? 5.14239   -12.58459 -5.43532  1.000 36.24535 ? 2   DG  B N7    1 
ATOM   31  C C5    . DG  A 1 2  ? 4.03455   -13.19763 -4.90147  1.000 34.51281 ? 2   DG  B C5    1 
ATOM   32  C C6    . DG  A 1 2  ? 3.77952   -13.58675 -3.57556  1.000 32.01573 ? 2   DG  B C6    1 
ATOM   33  O O6    . DG  A 1 2  ? 4.51221   -13.44001 -2.58641  1.000 34.33450 ? 2   DG  B O6    1 
ATOM   34  N N1    . DG  A 1 2  ? 2.53674   -14.18641 -3.44216  1.000 32.18393 ? 2   DG  B N1    1 
ATOM   35  C C2    . DG  A 1 2  ? 1.66266   -14.40611 -4.47719  1.000 35.48307 ? 2   DG  B C2    1 
ATOM   36  N N2    . DG  A 1 2  ? 0.51499   -15.00927 -4.16397  1.000 35.98766 ? 2   DG  B N2    1 
ATOM   37  N N3    . DG  A 1 2  ? 1.89573   -14.04931 -5.74091  1.000 37.96315 ? 2   DG  B N3    1 
ATOM   38  C C4    . DG  A 1 2  ? 3.09394   -13.44774 -5.87521  1.000 38.18778 ? 2   DG  B C4    1 
ATOM   39  P P     . DC  A 1 3  ? 1.13990   -10.35953 -11.31695 1.000 50.90691 ? 3   DC  B P     1 
ATOM   40  O OP1   . DC  A 1 3  ? 0.49079   -10.42018 -12.64351 1.000 52.35741 ? 3   DC  B OP1   1 
ATOM   41  O OP2   . DC  A 1 3  ? 2.02381   -9.24692  -10.91763 1.000 45.06826 ? 3   DC  B OP2   1 
ATOM   42  O "O5'" . DC  A 1 3  ? 0.01903   -10.46585 -10.20698 1.000 44.85269 ? 3   DC  B "O5'" 1 
ATOM   43  C "C5'" . DC  A 1 3  ? -0.85626  -11.58015 -10.21119 1.000 40.27126 ? 3   DC  B "C5'" 1 
ATOM   44  C "C4'" . DC  A 1 3  ? -1.52509  -11.66960 -8.87571  1.000 39.89303 ? 3   DC  B "C4'" 1 
ATOM   45  O "O4'" . DC  A 1 3  ? -0.52738  -11.89376 -7.88444  1.000 38.81758 ? 3   DC  B "O4'" 1 
ATOM   46  C "C3'" . DC  A 1 3  ? -2.21967  -10.38267 -8.48219  1.000 39.83840 ? 3   DC  B "C3'" 1 
ATOM   47  O "O3'" . DC  A 1 3  ? -3.57043  -10.52863 -8.68558  1.000 44.01000 ? 3   DC  B "O3'" 1 
ATOM   48  C "C2'" . DC  A 1 3  ? -1.91620  -10.20667 -6.98963  1.000 37.94726 ? 3   DC  B "C2'" 1 
ATOM   49  C "C1'" . DC  A 1 3  ? -0.92560  -11.31826 -6.66974  1.000 36.62384 ? 3   DC  B "C1'" 1 
ATOM   50  N N1    . DC  A 1 3  ? 0.29433   -10.84140 -6.00808  1.000 33.68939 ? 3   DC  B N1    1 
ATOM   51  C C2    . DC  A 1 3  ? 0.51261   -11.16989 -4.68975  1.000 32.95854 ? 3   DC  B C2    1 
ATOM   52  O O2    . DC  A 1 3  ? -0.33612  -11.85300 -4.10934  1.000 36.92002 ? 3   DC  B O2    1 
ATOM   53  N N3    . DC  A 1 3  ? 1.65749   -10.75742 -4.08749  1.000 35.57092 ? 3   DC  B N3    1 
ATOM   54  C C4    . DC  A 1 3  ? 2.54296   -10.03904 -4.76994  1.000 34.85355 ? 3   DC  B C4    1 
ATOM   55  N N4    . DC  A 1 3  ? 3.65371   -9.63002  -4.13840  1.000 32.20308 ? 3   DC  B N4    1 
ATOM   56  C C5    . DC  A 1 3  ? 2.32104   -9.68468  -6.13034  1.000 41.84988 ? 3   DC  B C5    1 
ATOM   57  C C6    . DC  A 1 3  ? 1.18708   -10.09656 -6.69608  1.000 37.42284 ? 3   DC  B C6    1 
ATOM   58  P P     . DA  A 1 4  ? -4.50637  -9.24358  -8.64449  1.000 44.87529 ? 4   DA  B P     1 
ATOM   59  O OP1   . DA  A 1 4  ? -5.62254  -9.53143  -9.57098  1.000 50.69761 ? 4   DA  B OP1   1 
ATOM   60  O OP2   . DA  A 1 4  ? -3.62195  -8.06390  -8.82365  1.000 49.63725 ? 4   DA  B OP2   1 
ATOM   61  O "O5'" . DA  A 1 4  ? -5.07325  -9.21947  -7.15656  1.000 42.86504 ? 4   DA  B "O5'" 1 
ATOM   62  C "C5'" . DA  A 1 4  ? -5.76769  -10.34114 -6.63773  1.000 37.81397 ? 4   DA  B "C5'" 1 
ATOM   63  C "C4'" . DA  A 1 4  ? -6.06962  -10.13068 -5.17139  1.000 45.53144 ? 4   DA  B "C4'" 1 
ATOM   64  O "O4'" . DA  A 1 4  ? -4.83096  -10.01024 -4.43744  1.000 44.23314 ? 4   DA  B "O4'" 1 
ATOM   65  C "C3'" . DA  A 1 4  ? -6.87358  -8.85787  -4.89343  1.000 44.71874 ? 4   DA  B "C3'" 1 
ATOM   66  O "O3'" . DA  A 1 4  ? -7.89092  -9.10003  -3.91209  1.000 55.25716 ? 4   DA  B "O3'" 1 
ATOM   67  C "C2'" . DA  A 1 4  ? -5.81361  -7.86401  -4.39689  1.000 46.57861 ? 4   DA  B "C2'" 1 
ATOM   68  C "C1'" . DA  A 1 4  ? -4.76375  -8.77309  -3.76153  1.000 46.68625 ? 4   DA  B "C1'" 1 
ATOM   69  N N9    . DA  A 1 4  ? -3.38734  -8.29240  -3.88841  1.000 42.20715 ? 4   DA  B N9    1 
ATOM   70  C C8    . DA  A 1 4  ? -2.81341  -7.69149  -4.97424  1.000 38.23705 ? 4   DA  B C8    1 
ATOM   71  N N7    . DA  A 1 4  ? -1.53847  -7.41291  -4.81462  1.000 36.70615 ? 4   DA  B N7    1 
ATOM   72  C C5    . DA  A 1 4  ? -1.24780  -7.87753  -3.54513  1.000 36.93771 ? 4   DA  B C5    1 
ATOM   73  C C6    . DA  A 1 4  ? -0.05798  -7.88193  -2.77698  1.000 36.95402 ? 4   DA  B C6    1 
ATOM   74  N N6    . DA  A 1 4  ? 1.10253   -7.38192  -3.20477  1.000 36.74192 ? 4   DA  B N6    1 
ATOM   75  N N1    . DA  A 1 4  ? -0.11604  -8.41464  -1.53966  1.000 32.49234 ? 4   DA  B N1    1 
ATOM   76  C C2    . DA  A 1 4  ? -1.27657  -8.91976  -1.11136  1.000 33.55553 ? 4   DA  B C2    1 
ATOM   77  N N3    . DA  A 1 4  ? -2.45411  -8.98542  -1.74010  1.000 40.26615 ? 4   DA  B N3    1 
ATOM   78  C C4    . DA  A 1 4  ? -2.37090  -8.43502  -2.96152  1.000 42.64921 ? 4   DA  B C4    1 
ATOM   79  P P     . DA  A 1 5  ? -8.79682  -7.88276  -3.37627  1.000 60.29741 ? 5   DA  B P     1 
ATOM   80  O OP1   . DA  A 1 5  ? -10.13005 -8.46048  -3.09812  1.000 66.74769 ? 5   DA  B OP1   1 
ATOM   81  O OP2   . DA  A 1 5  ? -8.64864  -6.70884  -4.26094  1.000 54.70739 ? 5   DA  B OP2   1 
ATOM   82  O "O5'" . DA  A 1 5  ? -8.12435  -7.54433  -1.98479  1.000 50.02303 ? 5   DA  B "O5'" 1 
ATOM   83  C "C5'" . DA  A 1 5  ? -7.93228  -8.59062  -1.11529  1.000 45.54934 ? 5   DA  B "C5'" 1 
ATOM   84  C "C4'" . DA  A 1 5  ? -7.22117  -8.15819  0.13081   1.000 43.57360 ? 5   DA  B "C4'" 1 
ATOM   85  O "O4'" . DA  A 1 5  ? -5.85035  -7.84265  -0.18636  1.000 39.72416 ? 5   DA  B "O4'" 1 
ATOM   86  C "C3'" . DA  A 1 5  ? -7.80656  -6.93981  0.83157   1.000 46.73738 ? 5   DA  B "C3'" 1 
ATOM   87  O "O3'" . DA  A 1 5  ? -7.89854  -7.25129  2.19796   1.000 52.31273 ? 5   DA  B "O3'" 1 
ATOM   88  C "C2'" . DA  A 1 5  ? -6.79286  -5.82436  0.54909   1.000 44.23791 ? 5   DA  B "C2'" 1 
ATOM   89  C "C1'" . DA  A 1 5  ? -5.49827  -6.61236  0.36467   1.000 44.00354 ? 5   DA  B "C1'" 1 
ATOM   90  N N9    . DA  A 1 5  ? -4.52035  -5.99059  -0.51101  1.000 35.15421 ? 5   DA  B N9    1 
ATOM   91  C C8    . DA  A 1 5  ? -4.71785  -5.46649  -1.75864  1.000 32.60962 ? 5   DA  B C8    1 
ATOM   92  N N7    . DA  A 1 5  ? -3.61797  -4.99037  -2.30737  1.000 31.87910 ? 5   DA  B N7    1 
ATOM   93  C C5    . DA  A 1 5  ? -2.63910  -5.25199  -1.36352  1.000 33.80339 ? 5   DA  B C5    1 
ATOM   94  C C6    . DA  A 1 5  ? -1.24750  -5.01280  -1.33034  1.000 32.83304 ? 5   DA  B C6    1 
ATOM   95  N N6    . DA  A 1 5  ? -0.57479  -4.40343  -2.31464  1.000 31.39498 ? 5   DA  B N6    1 
ATOM   96  N N1    . DA  A 1 5  ? -0.57467  -5.40341  -0.23009  1.000 34.69612 ? 5   DA  B N1    1 
ATOM   97  C C2    . DA  A 1 5  ? -1.23982  -6.00561  0.76150   1.000 35.71419 ? 5   DA  B C2    1 
ATOM   98  N N3    . DA  A 1 5  ? -2.53507  -6.29575  0.84120   1.000 35.93465 ? 5   DA  B N3    1 
ATOM   99  C C4    . DA  A 1 5  ? -3.18400  -5.88211  -0.25917  1.000 37.69019 ? 5   DA  B C4    1 
ATOM   100 P P     . DA  A 1 6  ? -8.40293  -6.18083  3.27008   1.000 48.66606 ? 6   DA  B P     1 
ATOM   101 O OP1   . DA  A 1 6  ? -9.12901  -6.97323  4.28696   1.000 52.44278 ? 6   DA  B OP1   1 
ATOM   102 O OP2   . DA  A 1 6  ? -9.04646  -5.05732  2.55477   1.000 52.45450 ? 6   DA  B OP2   1 
ATOM   103 O "O5'" . DA  A 1 6  ? -7.04684  -5.66730  3.92591   1.000 43.73750 ? 6   DA  B "O5'" 1 
ATOM   104 C "C5'" . DA  A 1 6  ? -6.16811  -6.61798  4.51337   1.000 43.91514 ? 6   DA  B "C5'" 1 
ATOM   105 C "C4'" . DA  A 1 6  ? -4.94031  -5.93277  5.05838   1.000 40.09590 ? 6   DA  B "C4'" 1 
ATOM   106 O "O4'" . DA  A 1 6  ? -4.12972  -5.46009  3.95742   1.000 36.56808 ? 6   DA  B "O4'" 1 
ATOM   107 C "C3'" . DA  A 1 6  ? -5.21613  -4.73524  5.94652   1.000 36.18334 ? 6   DA  B "C3'" 1 
ATOM   108 O "O3'" . DA  A 1 6  ? -4.41696  -4.85545  7.11083   1.000 41.76426 ? 6   DA  B "O3'" 1 
ATOM   109 C "C2'" . DA  A 1 6  ? -4.82771  -3.53230  5.06314   1.000 35.98630 ? 6   DA  B "C2'" 1 
ATOM   110 C "C1'" . DA  A 1 6  ? -3.74888  -4.12407  4.16637   1.000 40.10737 ? 6   DA  B "C1'" 1 
ATOM   111 N N9    . DA  A 1 6  ? -3.64038  -3.51567  2.82595   1.000 33.09984 ? 6   DA  B N9    1 
ATOM   112 C C8    . DA  A 1 6  ? -4.64600  -3.36812  1.90994   1.000 32.07882 ? 6   DA  B C8    1 
ATOM   113 N N7    . DA  A 1 6  ? -4.25111  -2.84744  0.76172   1.000 35.32788 ? 6   DA  B N7    1 
ATOM   114 C C5    . DA  A 1 6  ? -2.88848  -2.64487  0.93531   1.000 30.59119 ? 6   DA  B C5    1 
ATOM   115 C C6    . DA  A 1 6  ? -1.87817  -2.11852  0.08549   1.000 33.55580 ? 6   DA  B C6    1 
ATOM   116 N N6    . DA  A 1 6  ? -2.10991  -1.66927  -1.15287  1.000 32.26420 ? 6   DA  B N6    1 
ATOM   117 N N1    . DA  A 1 6  ? -0.62107  -2.07907  0.56092   1.000 30.18820 ? 6   DA  B N1    1 
ATOM   118 C C2    . DA  A 1 6  ? -0.39103  -2.52359  1.79986   1.000 33.66416 ? 6   DA  B C2    1 
ATOM   119 N N3    . DA  A 1 6  ? -1.25015  -3.03383  2.68512   1.000 31.73111 ? 6   DA  B N3    1 
ATOM   120 C C4    . DA  A 1 6  ? -2.48981  -3.07573  2.18969   1.000 31.12578 ? 6   DA  B C4    1 
ATOM   121 P P     . DT  A 1 7  ? -4.54422  -3.80784  8.32361   1.000 45.47384 ? 7   DT  B P     1 
ATOM   122 O OP1   . DT  A 1 7  ? -4.10547  -4.50085  9.55481   1.000 47.47628 ? 7   DT  B OP1   1 
ATOM   123 O OP2   . DT  A 1 7  ? -5.84299  -3.09545  8.22952   1.000 49.72614 ? 7   DT  B OP2   1 
ATOM   124 O "O5'" . DT  A 1 7  ? -3.38349  -2.76505  8.03457   1.000 41.57094 ? 7   DT  B "O5'" 1 
ATOM   125 C "C5'" . DT  A 1 7  ? -2.06002  -3.20110  7.98496   1.000 38.05545 ? 7   DT  B "C5'" 1 
ATOM   126 C "C4'" . DT  A 1 7  ? -1.17065  -2.12423  7.40218   1.000 36.05067 ? 7   DT  B "C4'" 1 
ATOM   127 O "O4'" . DT  A 1 7  ? -1.54720  -1.85937  6.04752   1.000 34.38571 ? 7   DT  B "O4'" 1 
ATOM   128 C "C3'" . DT  A 1 7  ? -1.23554  -0.77373  8.11758   1.000 38.13399 ? 7   DT  B "C3'" 1 
ATOM   129 O "O3'" . DT  A 1 7  ? -0.03093  -0.61250  8.85241   1.000 35.80421 ? 7   DT  B "O3'" 1 
ATOM   130 C "C2'" . DT  A 1 7  ? -1.37703  0.25827   6.97123   1.000 35.25109 ? 7   DT  B "C2'" 1 
ATOM   131 C "C1'" . DT  A 1 7  ? -1.08764  -0.58468  5.72485   1.000 38.38708 ? 7   DT  B "C1'" 1 
ATOM   132 N N1    . DT  A 1 7  ? -1.77549  -0.15564  4.46287   1.000 31.83275 ? 7   DT  B N1    1 
ATOM   133 C C2    . DT  A 1 7  ? -1.02232  0.33221   3.41612   1.000 31.61319 ? 7   DT  B C2    1 
ATOM   134 O O2    . DT  A 1 7  ? 0.18381   0.47531   3.47519   1.000 31.38585 ? 7   DT  B O2    1 
ATOM   135 N N3    . DT  A 1 7  ? -1.74301  0.67791   2.29971   1.000 32.52941 ? 7   DT  B N3    1 
ATOM   136 C C4    . DT  A 1 7  ? -3.11246  0.57470   2.13424   1.000 30.65835 ? 7   DT  B C4    1 
ATOM   137 O O4    . DT  A 1 7  ? -3.67035  0.88042   1.09340   1.000 30.09590 ? 7   DT  B O4    1 
ATOM   138 C C5    . DT  A 1 7  ? -3.83697  0.04474   3.26243   1.000 34.37710 ? 7   DT  B C5    1 
ATOM   139 C C7    . DT  A 1 7  ? -5.32951  -0.11183  3.19050   1.000 34.54168 ? 7   DT  B C7    1 
ATOM   140 C C6    . DT  A 1 7  ? -3.14378  -0.30072  4.35414   1.000 33.07637 ? 7   DT  B C6    1 
ATOM   141 P P     . DT  A 1 8  ? 0.27036   0.71166   9.69431   1.000 44.94800 ? 8   DT  B P     1 
ATOM   142 O OP1   . DT  A 1 8  ? 1.10877   0.26685   10.82289  1.000 43.70314 ? 8   DT  B OP1   1 
ATOM   143 O OP2   . DT  A 1 8  ? -0.98767  1.46396   9.93257   1.000 40.60676 ? 8   DT  B OP2   1 
ATOM   144 O "O5'" . DT  A 1 8  ? 1.13907   1.58563   8.67895   1.000 39.14612 ? 8   DT  B "O5'" 1 
ATOM   145 C "C5'" . DT  A 1 8  ? 2.21809   1.00033   8.02210   1.000 37.98674 ? 8   DT  B "C5'" 1 
ATOM   146 C "C4'" . DT  A 1 8  ? 2.80230   1.93929   6.99364   1.000 33.41673 ? 8   DT  B "C4'" 1 
ATOM   147 O "O4'" . DT  A 1 8  ? 1.90315   2.06923   5.87820   1.000 35.51634 ? 8   DT  B "O4'" 1 
ATOM   148 C "C3'" . DT  A 1 8  ? 3.07899   3.35677   7.48489   1.000 41.02751 ? 8   DT  B "C3'" 1 
ATOM   149 O "O3'" . DT  A 1 8  ? 4.38220   3.67109   7.16042   1.000 47.23673 ? 8   DT  B "O3'" 1 
ATOM   150 C "C2'" . DT  A 1 8  ? 2.07263   4.23026   6.71766   1.000 36.62487 ? 8   DT  B "C2'" 1 
ATOM   151 C "C1'" . DT  A 1 8  ? 1.86210   3.41364   5.45958   1.000 35.09369 ? 8   DT  B "C1'" 1 
ATOM   152 N N1    . DT  A 1 8  ? 0.57096   3.60727   4.81598   1.000 35.86297 ? 8   DT  B N1    1 
ATOM   153 C C2    . DT  A 1 8  ? 0.53566   3.98344   3.49727   1.000 33.59790 ? 8   DT  B C2    1 
ATOM   154 O O2    . DT  A 1 8  ? 1.53639   4.21489   2.84068   1.000 32.97766 ? 8   DT  B O2    1 
ATOM   155 N N3    . DT  A 1 8  ? -0.71800  4.09140   2.97195   1.000 32.53325 ? 8   DT  B N3    1 
ATOM   156 C C4    . DT  A 1 8  ? -1.91612  3.85640   3.61879   1.000 32.13416 ? 8   DT  B C4    1 
ATOM   157 O O4    . DT  A 1 8  ? -2.99149  3.95909   3.05066   1.000 30.03970 ? 8   DT  B O4    1 
ATOM   158 C C5    . DT  A 1 8  ? -1.80820  3.44821   4.99581   1.000 35.47196 ? 8   DT  B C5    1 
ATOM   159 C C7    . DT  A 1 8  ? -3.04600  3.16421   5.79934   1.000 32.53333 ? 8   DT  B C7    1 
ATOM   160 C C6    . DT  A 1 8  ? -0.58405  3.33474   5.52180   1.000 32.41871 ? 8   DT  B C6    1 
ATOM   161 P P     . DT  A 1 9  ? 4.99292   5.09051   7.55626   1.000 49.72367 ? 9   DT  B P     1 
ATOM   162 O OP1   . DT  A 1 9  ? 6.38517   4.79311   7.95161   1.000 52.42084 ? 9   DT  B OP1   1 
ATOM   163 O OP2   . DT  A 1 9  ? 4.04161   5.79261   8.45312   1.000 45.97921 ? 9   DT  B OP2   1 
ATOM   164 O "O5'" . DT  A 1 9  ? 5.00728   5.88538   6.18669   1.000 43.97814 ? 9   DT  B "O5'" 1 
ATOM   165 C "C5'" . DT  A 1 9  ? 5.46940   5.24218   5.02492   1.000 43.62320 ? 9   DT  B "C5'" 1 
ATOM   166 C "C4'" . DT  A 1 9  ? 5.37524   6.17265   3.83503   1.000 39.24345 ? 9   DT  B "C4'" 1 
ATOM   167 O "O4'" . DT  A 1 9  ? 4.00995   6.23023   3.35610   1.000 39.60108 ? 9   DT  B "O4'" 1 
ATOM   168 C "C3'" . DT  A 1 9  ? 5.78764   7.60108   4.10930   1.000 44.12297 ? 9   DT  B "C3'" 1 
ATOM   169 O "O3'" . DT  A 1 9  ? 6.62540   8.00173   3.07022   1.000 46.11614 ? 9   DT  B "O3'" 1 
ATOM   170 C "C2'" . DT  A 1 9  ? 4.46213   8.38355   4.12519   1.000 40.80478 ? 9   DT  B "C2'" 1 
ATOM   171 C "C1'" . DT  A 1 9  ? 3.61523   7.56899   3.16386   1.000 40.48605 ? 9   DT  B "C1'" 1 
ATOM   172 N N1    . DT  A 1 9  ? 2.15144   7.59798   3.43121   1.000 34.75313 ? 9   DT  B N1    1 
ATOM   173 C C2    . DT  A 1 9  ? 1.28035   7.73307   2.38004   1.000 32.36451 ? 9   DT  B C2    1 
ATOM   174 O O2    . DT  A 1 9  ? 1.63969   7.92401   1.23821   1.000 37.59995 ? 9   DT  B O2    1 
ATOM   175 N N3    . DT  A 1 9  ? -0.04348  7.68455   2.72049   1.000 33.86922 ? 9   DT  B N3    1 
ATOM   176 C C4    . DT  A 1 9  ? -0.57308  7.46272   3.96514   1.000 32.18913 ? 9   DT  B C4    1 
ATOM   177 O O4    . DT  A 1 9  ? -1.78051  7.41769   4.16042   1.000 40.13065 ? 9   DT  B O4    1 
ATOM   178 C C5    . DT  A 1 9  ? 0.39139   7.29430   5.02711   1.000 37.52495 ? 9   DT  B C5    1 
ATOM   179 C C7    . DT  A 1 9  ? -0.07040  7.06165   6.43214   1.000 35.48005 ? 9   DT  B C7    1 
ATOM   180 C C6    . DT  A 1 9  ? 1.69497   7.34780   4.71016   1.000 36.27774 ? 9   DT  B C6    1 
ATOM   181 P P     . DG  A 1 10 ? 7.60717   9.24664   3.25473   1.000 48.06382 ? 10  DG  B P     1 
ATOM   182 O OP1   . DG  A 1 10 ? 8.74812   8.98642   2.34447   1.000 48.44867 ? 10  DG  B OP1   1 
ATOM   183 O OP2   . DG  A 1 10 ? 7.77306   9.55776   4.69256   1.000 39.60898 ? 10  DG  B OP2   1 
ATOM   184 O "O5'" . DG  A 1 10 ? 6.75101   10.43821  2.64046   1.000 43.40815 ? 10  DG  B "O5'" 1 
ATOM   185 C "C5'" . DG  A 1 10 ? 6.42927   10.37747  1.27570   1.000 43.65930 ? 10  DG  B "C5'" 1 
ATOM   186 C "C4'" . DG  A 1 10 ? 5.30244   11.33175  0.93382   1.000 38.92085 ? 10  DG  B "C4'" 1 
ATOM   187 O "O4'" . DG  A 1 10 ? 4.08266   10.90504  1.57541   1.000 40.57699 ? 10  DG  B "O4'" 1 
ATOM   188 C "C3'" . DG  A 1 10 ? 5.51093   12.79158  1.36003   1.000 41.21169 ? 10  DG  B "C3'" 1 
ATOM   189 O "O3'" . DG  A 1 10 ? 5.04583   13.58515  0.29569   1.000 40.57029 ? 10  DG  B "O3'" 1 
ATOM   190 C "C2'" . DG  A 1 10 ? 4.58294   12.90747  2.58133   1.000 40.35522 ? 10  DG  B "C2'" 1 
ATOM   191 C "C1'" . DG  A 1 10 ? 3.45062   12.05429  2.06485   1.000 37.02896 ? 10  DG  B "C1'" 1 
ATOM   192 N N9    . DG  A 1 10 ? 2.40944   11.66105  3.01066   1.000 35.09148 ? 10  DG  B N9    1 
ATOM   193 C C8    . DG  A 1 10 ? 2.50126   11.44969  4.36208   1.000 35.99213 ? 10  DG  B C8    1 
ATOM   194 N N7    . DG  A 1 10 ? 1.35903   11.09153  4.90186   1.000 40.08183 ? 10  DG  B N7    1 
ATOM   195 C C5    . DG  A 1 10 ? 0.47263   11.07981  3.83139   1.000 35.51703 ? 10  DG  B C5    1 
ATOM   196 C C6    . DG  A 1 10 ? -0.90756  10.78963  3.78028   1.000 32.15477 ? 10  DG  B C6    1 
ATOM   197 O O6    . DG  A 1 10 ? -1.66315  10.45468  4.70625   1.000 34.87133 ? 10  DG  B O6    1 
ATOM   198 N N1    . DG  A 1 10 ? -1.41218  10.91865  2.48356   1.000 34.30570 ? 10  DG  B N1    1 
ATOM   199 C C2    . DG  A 1 10 ? -0.67126  11.27862  1.38510   1.000 33.60848 ? 10  DG  B C2    1 
ATOM   200 N N2    . DG  A 1 10 ? -1.31656  11.34779  0.21352   1.000 31.04950 ? 10  DG  B N2    1 
ATOM   201 N N3    . DG  A 1 10 ? 0.61347   11.54837  1.42739   1.000 35.99577 ? 10  DG  B N3    1 
ATOM   202 C C4    . DG  A 1 10 ? 1.11144   11.44246  2.67664   1.000 34.73481 ? 10  DG  B C4    1 
ATOM   203 P P     . DC  A 1 11 ? 6.08376   14.38197  -0.61858  1.000 48.49576 ? 11  DC  B P     1 
ATOM   204 O OP1   . DC  A 1 11 ? 7.14363   13.40256  -0.94740  1.000 51.84566 ? 11  DC  B OP1   1 
ATOM   205 O OP2   . DC  A 1 11 ? 6.39119   15.66199  0.04376   1.000 48.98462 ? 11  DC  B OP2   1 
ATOM   206 O "O5'" . DC  A 1 11 ? 5.25748   14.72758  -1.92869  1.000 40.71579 ? 11  DC  B "O5'" 1 
ATOM   207 C "C5'" . DC  A 1 11 ? 4.75507   13.67355  -2.74133  1.000 40.09102 ? 11  DC  B "C5'" 1 
ATOM   208 C "C4'" . DC  A 1 11 ? 3.37866   14.01503  -3.26777  1.000 42.13390 ? 11  DC  B "C4'" 1 
ATOM   209 O "O4'" . DC  A 1 11 ? 2.37142   13.79909  -2.25005  1.000 35.03311 ? 11  DC  B "O4'" 1 
ATOM   210 C "C3'" . DC  A 1 11 ? 3.21982   15.44364  -3.73853  1.000 30.96312 ? 11  DC  B "C3'" 1 
ATOM   211 O "O3'" . DC  A 1 11 ? 2.49993   15.42944  -4.96038  1.000 33.05438 ? 11  DC  B "O3'" 1 
ATOM   212 C "C2'" . DC  A 1 11 ? 2.42810   16.10155  -2.59783  1.000 35.76783 ? 11  DC  B "C2'" 1 
ATOM   213 C "C1'" . DC  A 1 11 ? 1.57473   14.94560  -2.09215  1.000 36.90481 ? 11  DC  B "C1'" 1 
ATOM   214 N N1    . DC  A 1 11 ? 1.24408   14.99161  -0.65715  1.000 38.19980 ? 11  DC  B N1    1 
ATOM   215 C C2    . DC  A 1 11 ? -0.06120  14.71354  -0.24641  1.000 32.13177 ? 11  DC  B C2    1 
ATOM   216 O O2    . DC  A 1 11 ? -0.92498  14.48406  -1.10117  1.000 32.69517 ? 11  DC  B O2    1 
ATOM   217 N N3    . DC  A 1 11 ? -0.33923  14.68674  1.06999   1.000 32.43453 ? 11  DC  B N3    1 
ATOM   218 C C4    . DC  A 1 11 ? 0.61563   14.91920  1.95313   1.000 31.53741 ? 11  DC  B C4    1 
ATOM   219 N N4    . DC  A 1 11 ? 0.28403   14.89390  3.23953   1.000 35.49371 ? 11  DC  B N4    1 
ATOM   220 C C5    . DC  A 1 11 ? 1.95342   15.19524  1.55942   1.000 38.90883 ? 11  DC  B C5    1 
ATOM   221 C C6    . DC  A 1 11 ? 2.22398   15.21003  0.25586   1.000 34.74169 ? 11  DC  B C6    1 
ATOM   222 P P     . DG  A 1 12 ? 2.53726   16.70891  -5.92188  1.000 42.80888 ? 12  DG  B P     1 
ATOM   223 O OP1   . DG  A 1 12 ? 2.21924   16.21121  -7.28116  1.000 39.46919 ? 12  DG  B OP1   1 
ATOM   224 O OP2   . DG  A 1 12 ? 3.77341   17.46451  -5.63322  1.000 46.10171 ? 12  DG  B OP2   1 
ATOM   225 O "O5'" . DG  A 1 12 ? 1.32510   17.61744  -5.42999  1.000 48.13611 ? 12  DG  B "O5'" 1 
ATOM   226 C "C5'" . DG  A 1 12 ? -0.01237  17.27746  -5.70721  1.000 38.02409 ? 12  DG  B "C5'" 1 
ATOM   227 C "C4'" . DG  A 1 12 ? -0.93684  18.12868  -4.85618  1.000 36.07826 ? 12  DG  B "C4'" 1 
ATOM   228 O "O4'" . DG  A 1 12 ? -0.78203  17.77401  -3.49160  1.000 35.98951 ? 12  DG  B "O4'" 1 
ATOM   229 C "C3'" . DG  A 1 12 ? -0.64020  19.61644  -4.89106  1.000 38.31704 ? 12  DG  B "C3'" 1 
ATOM   230 O "O3'" . DG  A 1 12 ? -1.38744  20.20473  -5.93826  1.000 41.80271 ? 12  DG  B "O3'" 1 
ATOM   231 C "C2'" . DG  A 1 12 ? -1.10112  20.11765  -3.50447  1.000 41.46449 ? 12  DG  B "C2'" 1 
ATOM   232 C "C1'" . DG  A 1 12 ? -1.26760  18.82234  -2.69400  1.000 34.09415 ? 12  DG  B "C1'" 1 
ATOM   233 N N9    . DG  A 1 12 ? -0.61215  18.76913  -1.39202  1.000 35.95028 ? 12  DG  B N9    1 
ATOM   234 C C8    . DG  A 1 12 ? 0.72374   18.91768  -1.10355  1.000 36.54934 ? 12  DG  B C8    1 
ATOM   235 N N7    . DG  A 1 12 ? 1.00270   18.73282  0.16909   1.000 38.02784 ? 12  DG  B N7    1 
ATOM   236 C C5    . DG  A 1 12 ? -0.21139  18.36006  0.73177   1.000 35.31764 ? 12  DG  B C5    1 
ATOM   237 C C6    . DG  A 1 12 ? -0.54103  18.01550  2.07079   1.000 33.66547 ? 12  DG  B C6    1 
ATOM   238 O O6    . DG  A 1 12 ? 0.20045   17.97135  3.06368   1.000 37.78180 ? 12  DG  B O6    1 
ATOM   239 N N1    . DG  A 1 12 ? -1.88883  17.71145  2.20644   1.000 32.75002 ? 12  DG  B N1    1 
ATOM   240 C C2    . DG  A 1 12 ? -2.80423  17.72450  1.17664   1.000 33.66440 ? 12  DG  B C2    1 
ATOM   241 N N2    . DG  A 1 12 ? -4.06553  17.40946  1.49612   1.000 35.78273 ? 12  DG  B N2    1 
ATOM   242 N N3    . DG  A 1 12 ? -2.50998  18.05103  -0.07079  1.000 32.87986 ? 12  DG  B N3    1 
ATOM   243 C C4    . DG  A 1 12 ? -1.20600  18.36464  -0.21889  1.000 33.72173 ? 12  DG  B C4    1 
ATOM   244 O "O5'" . DC  B 1 1  ? -7.28016  18.90007  10.29425  1.000 68.44409 ? 13  DC  C "O5'" 1 
ATOM   245 C "C5'" . DC  B 1 1  ? -7.00014  17.59148  9.81763   1.000 59.65203 ? 13  DC  C "C5'" 1 
ATOM   246 C "C4'" . DC  B 1 1  ? -7.53303  17.41354  8.40784   1.000 58.90806 ? 13  DC  C "C4'" 1 
ATOM   247 O "O4'" . DC  B 1 1  ? -6.52978  17.81722  7.44608   1.000 57.61559 ? 13  DC  C "O4'" 1 
ATOM   248 C "C3'" . DC  B 1 1  ? -7.91176  15.99187  8.04391   1.000 55.62186 ? 13  DC  C "C3'" 1 
ATOM   249 O "O3'" . DC  B 1 1  ? -8.98257  16.01771  7.14007   1.000 63.47655 ? 13  DC  C "O3'" 1 
ATOM   250 C "C2'" . DC  B 1 1  ? -6.64035  15.48569  7.37371   1.000 51.51821 ? 13  DC  C "C2'" 1 
ATOM   251 C "C1'" . DC  B 1 1  ? -6.19685  16.72910  6.61615   1.000 45.57693 ? 13  DC  C "C1'" 1 
ATOM   252 N N1    . DC  B 1 1  ? -4.72739  16.80191  6.38674   1.000 42.19036 ? 13  DC  C N1    1 
ATOM   253 C C2    . DC  B 1 1  ? -4.22705  17.00393  5.09560   1.000 37.52413 ? 13  DC  C C2    1 
ATOM   254 O O2    . DC  B 1 1  ? -5.01194  17.08662  4.14789   1.000 41.06628 ? 13  DC  C O2    1 
ATOM   255 N N3    . DC  B 1 1  ? -2.88965  17.06719  4.91352   1.000 39.99786 ? 13  DC  C N3    1 
ATOM   256 C C4    . DC  B 1 1  ? -2.07194  16.97750  5.95765   1.000 42.37274 ? 13  DC  C C4    1 
ATOM   257 N N4    . DC  B 1 1  ? -0.76214  17.07381  5.73277   1.000 41.86470 ? 13  DC  C N4    1 
ATOM   258 C C5    . DC  B 1 1  ? -2.56340  16.79202  7.28207   1.000 48.94802 ? 13  DC  C C5    1 
ATOM   259 C C6    . DC  B 1 1  ? -3.88595  16.71314  7.44621   1.000 44.37308 ? 13  DC  C C6    1 
ATOM   260 P P     . DG  B 1 2  ? -9.97833  14.76542  7.06606   1.000 65.15084 ? 14  DG  C P     1 
ATOM   261 O OP1   . DG  B 1 2  ? -11.30041 15.25941  7.49272   1.000 66.42458 ? 14  DG  C OP1   1 
ATOM   262 O OP2   . DG  B 1 2  ? -9.32776  13.60878  7.72613   1.000 65.06979 ? 14  DG  C OP2   1 
ATOM   263 O "O5'" . DG  B 1 2  ? -10.03573 14.40619  5.52134   1.000 58.60978 ? 14  DG  C "O5'" 1 
ATOM   264 C "C5'" . DG  B 1 2  ? -10.38035 15.37202  4.58038   1.000 48.18491 ? 14  DG  C "C5'" 1 
ATOM   265 C "C4'" . DG  B 1 2  ? -10.01174 14.87576  3.19942   1.000 42.80110 ? 14  DG  C "C4'" 1 
ATOM   266 O "O4'" . DG  B 1 2  ? -8.58810  15.03491  3.00874   1.000 39.59218 ? 14  DG  C "O4'" 1 
ATOM   267 C "C3'" . DG  B 1 2  ? -10.31389 13.39706  2.94962   1.000 41.66805 ? 14  DG  C "C3'" 1 
ATOM   268 O "O3'" . DG  B 1 2  ? -10.96094 13.23177  1.72212   1.000 45.60931 ? 14  DG  C "O3'" 1 
ATOM   269 C "C2'" . DG  B 1 2  ? -8.95062  12.71266  2.94798   1.000 43.34034 ? 14  DG  C "C2'" 1 
ATOM   270 C "C1'" . DG  B 1 2  ? -8.00072  13.82989  2.56219   1.000 42.12235 ? 14  DG  C "C1'" 1 
ATOM   271 N N9    . DG  B 1 2  ? -6.69131  13.68611  3.18665   1.000 37.50382 ? 14  DG  C N9    1 
ATOM   272 C C8    . DG  B 1 2  ? -6.42993  13.40584  4.49986   1.000 34.62723 ? 14  DG  C C8    1 
ATOM   273 N N7    . DG  B 1 2  ? -5.15762  13.33887  4.76755   1.000 37.45084 ? 14  DG  C N7    1 
ATOM   274 C C5    . DG  B 1 2  ? -4.53586  13.65302  3.56435   1.000 36.17489 ? 14  DG  C C5    1 
ATOM   275 C C6    . DG  B 1 2  ? -3.16223  13.76263  3.24129   1.000 33.83567 ? 14  DG  C C6    1 
ATOM   276 O O6    . DG  B 1 2  ? -2.17655  13.60391  3.97991   1.000 35.28979 ? 14  DG  C O6    1 
ATOM   277 N N1    . DG  B 1 2  ? -2.97623  14.09201  1.90357   1.000 33.00199 ? 14  DG  C N1    1 
ATOM   278 C C2    . DG  B 1 2  ? -3.98001  14.27624  0.99284   1.000 32.95044 ? 14  DG  C C2    1 
ATOM   279 N N2    . DG  B 1 2  ? -3.59930  14.58193  -0.25591  1.000 30.03654 ? 14  DG  C N2    1 
ATOM   280 N N3    . DG  B 1 2  ? -5.26667  14.17597  1.28127   1.000 35.49158 ? 14  DG  C N3    1 
ATOM   281 C C4    . DG  B 1 2  ? -5.46886  13.87653  2.58445   1.000 37.26167 ? 14  DG  C C4    1 
ATOM   282 P P     . DC  B 1 3  ? -11.48299 11.77976  1.28429   1.000 46.99740 ? 15  DC  C P     1 
ATOM   283 O OP1   . DC  B 1 3  ? -12.64651 11.97221  0.40766   1.000 44.46819 ? 15  DC  C OP1   1 
ATOM   284 O OP2   . DC  B 1 3  ? -11.53955 10.92903  2.48954   1.000 44.95267 ? 15  DC  C OP2   1 
ATOM   285 O "O5'" . DC  B 1 3  ? -10.31610 11.29479  0.31459   1.000 38.04100 ? 15  DC  C "O5'" 1 
ATOM   286 C "C5'" . DC  B 1 3  ? -9.99481  12.13153  -0.77593  1.000 36.30816 ? 15  DC  C "C5'" 1 
ATOM   287 C "C4'" . DC  B 1 3  ? -8.64270  11.79248  -1.34001  1.000 35.51326 ? 15  DC  C "C4'" 1 
ATOM   288 O "O4'" . DC  B 1 3  ? -7.65752  11.99055  -0.32166  1.000 38.35694 ? 15  DC  C "O4'" 1 
ATOM   289 C "C3'" . DC  B 1 3  ? -8.50417  10.33755  -1.76550  1.000 29.92874 ? 15  DC  C "C3'" 1 
ATOM   290 O "O3'" . DC  B 1 3  ? -8.66048  10.27415  -3.15059  1.000 32.40375 ? 15  DC  C "O3'" 1 
ATOM   291 C "C2'" . DC  B 1 3  ? -7.08299  9.94443   -1.35918  1.000 37.65735 ? 15  DC  C "C2'" 1 
ATOM   292 C "C1'" . DC  B 1 3  ? -6.57696  11.12451  -0.54358  1.000 33.97835 ? 15  DC  C "C1'" 1 
ATOM   293 N N1    . DC  B 1 3  ? -6.04724  10.73491  0.76083   1.000 32.87032 ? 15  DC  C N1    1 
ATOM   294 C C2    . DC  B 1 3  ? -4.67763  10.77392  0.97339   1.000 34.22580 ? 15  DC  C C2    1 
ATOM   295 O O2    . DC  B 1 3  ? -3.94577  11.10192  0.04227   1.000 32.72504 ? 15  DC  C O2    1 
ATOM   296 N N3    . DC  B 1 3  ? -4.19001  10.41613  2.18505   1.000 35.18384 ? 15  DC  C N3    1 
ATOM   297 C C4    . DC  B 1 3  ? -5.02941  10.05317  3.15734   1.000 31.77366 ? 15  DC  C C4    1 
ATOM   298 N N4    . DC  B 1 3  ? -4.51036  9.71805   4.34173   1.000 38.05258 ? 15  DC  C N4    1 
ATOM   299 C C5    . DC  B 1 3  ? -6.43640  10.00937  2.95337   1.000 37.25024 ? 15  DC  C C5    1 
ATOM   300 C C6    . DC  B 1 3  ? -6.89538  10.35651  1.75067   1.000 34.40604 ? 15  DC  C C6    1 
ATOM   301 P P     . DA  B 1 4  ? -8.74987  8.88036   -3.91017  1.000 40.81436 ? 16  DA  C P     1 
ATOM   302 O OP1   . DA  B 1 4  ? -9.69525  9.13638   -5.00667  1.000 38.10823 ? 16  DA  C OP1   1 
ATOM   303 O OP2   . DA  B 1 4  ? -8.91457  7.80018   -2.90497  1.000 40.43321 ? 16  DA  C OP2   1 
ATOM   304 O "O5'" . DA  B 1 4  ? -7.29818  8.67809   -4.52241  1.000 34.00695 ? 16  DA  C "O5'" 1 
ATOM   305 C "C5'" . DA  B 1 4  ? -6.79851  9.64264   -5.41102  1.000 36.90984 ? 16  DA  C "C5'" 1 
ATOM   306 C "C4'" . DA  B 1 4  ? -5.33511  9.41777   -5.63012  1.000 32.04341 ? 16  DA  C "C4'" 1 
ATOM   307 O "O4'" . DA  B 1 4  ? -4.69728  9.43660   -4.34179  1.000 38.65482 ? 16  DA  C "O4'" 1 
ATOM   308 C "C3'" . DA  B 1 4  ? -4.95821  8.09050   -6.26668  1.000 35.96719 ? 16  DA  C "C3'" 1 
ATOM   309 O "O3'" . DA  B 1 4  ? -3.86547  8.33520   -7.14140  1.000 36.53877 ? 16  DA  C "O3'" 1 
ATOM   310 C "C2'" . DA  B 1 4  ? -4.60411  7.20823   -5.08130  1.000 30.65152 ? 16  DA  C "C2'" 1 
ATOM   311 C "C1'" . DA  B 1 4  ? -4.04513  8.21738   -4.09804  1.000 33.76172 ? 16  DA  C "C1'" 1 
ATOM   312 N N9    . DA  B 1 4  ? -4.25072  7.86647   -2.71118  1.000 28.33941 ? 16  DA  C N9    1 
ATOM   313 C C8    . DA  B 1 4  ? -5.37035  7.33761   -2.13596  1.000 27.78942 ? 16  DA  C C8    1 
ATOM   314 N N7    . DA  B 1 4  ? -5.23545  7.11511   -0.85093  1.000 28.76428 ? 16  DA  C N7    1 
ATOM   315 C C5    . DA  B 1 4  ? -3.93126  7.52944   -0.58299  1.000 32.39040 ? 16  DA  C C5    1 
ATOM   316 C C6    . DA  B 1 4  ? -3.15348  7.56072   0.59646   1.000 32.82615 ? 16  DA  C C6    1 
ATOM   317 N N6    . DA  B 1 4  ? -3.59209  7.14451   1.78058   1.000 33.23849 ? 16  DA  C N6    1 
ATOM   318 N N1    . DA  B 1 4  ? -1.89155  8.01699   0.50178   1.000 32.99116 ? 16  DA  C N1    1 
ATOM   319 C C2    . DA  B 1 4  ? -1.44667  8.43763   -0.67908  1.000 32.50046 ? 16  DA  C C2    1 
ATOM   320 N N3    . DA  B 1 4  ? -2.07062  8.45447   -1.84426  1.000 30.88289 ? 16  DA  C N3    1 
ATOM   321 C C4    . DA  B 1 4  ? -3.32778  7.98990   -1.71844  1.000 31.31589 ? 16  DA  C C4    1 
ATOM   322 P P     . DA  B 1 5  ? -3.01660  7.17058   -7.83656  1.000 44.85548 ? 17  DA  C P     1 
ATOM   323 O OP1   . DA  B 1 5  ? -2.70437  7.65893   -9.20346  1.000 44.38073 ? 17  DA  C OP1   1 
ATOM   324 O OP2   . DA  B 1 5  ? -3.64835  5.84732   -7.62313  1.000 42.97973 ? 17  DA  C OP2   1 
ATOM   325 O "O5'" . DA  B 1 5  ? -1.65014  7.18375   -7.01656  1.000 42.35263 ? 17  DA  C "O5'" 1 
ATOM   326 C "C5'" . DA  B 1 5  ? -0.93818  8.38930   -6.83036  1.000 38.78829 ? 17  DA  C "C5'" 1 
ATOM   327 C "C4'" . DA  B 1 5  ? 0.31524   8.10681   -6.04172  1.000 34.85432 ? 17  DA  C "C4'" 1 
ATOM   328 O "O4'" . DA  B 1 5  ? -0.04406  7.72895   -4.69199  1.000 35.60358 ? 17  DA  C "O4'" 1 
ATOM   329 C "C3'" . DA  B 1 5  ? 1.14982   6.97871   -6.60432  1.000 37.47318 ? 17  DA  C "C3'" 1 
ATOM   330 O "O3'" . DA  B 1 5  ? 2.48935   7.33726   -6.55196  1.000 39.73187 ? 17  DA  C "O3'" 1 
ATOM   331 C "C2'" . DA  B 1 5  ? 0.82579   5.79102   -5.67432  1.000 38.07333 ? 17  DA  C "C2'" 1 
ATOM   332 C "C1'" . DA  B 1 5  ? 0.51270   6.48862   -4.35165  1.000 34.55945 ? 17  DA  C "C1'" 1 
ATOM   333 N N9    . DA  B 1 5  ? -0.52007  5.83156   -3.55341  1.000 27.81019 ? 17  DA  C N9    1 
ATOM   334 C C8    . DA  B 1 5  ? -1.74011  5.41227   -3.98381  1.000 32.43582 ? 17  DA  C C8    1 
ATOM   335 N N7    . DA  B 1 5  ? -2.49342  4.89881   -3.03328  1.000 30.46500 ? 17  DA  C N7    1 
ATOM   336 C C5    . DA  B 1 5  ? -1.71098  5.00357   -1.90291  1.000 32.66491 ? 17  DA  C C5    1 
ATOM   337 C C6    . DA  B 1 5  ? -1.94253  4.64796   -0.55749  1.000 33.27055 ? 17  DA  C C6    1 
ATOM   338 N N6    . DA  B 1 5  ? -3.08219  4.07829   -0.13744  1.000 32.26453 ? 17  DA  C N6    1 
ATOM   339 N N1    . DA  B 1 5  ? -0.96188  4.90005   0.33389   1.000 33.30118 ? 17  DA  C N1    1 
ATOM   340 C C2    . DA  B 1 5  ? 0.17997   5.46690   -0.10854  1.000 33.20612 ? 17  DA  C C2    1 
ATOM   341 N N3    . DA  B 1 5  ? 0.50847   5.84379   -1.35509  1.000 29.98857 ? 17  DA  C N3    1 
ATOM   342 C C4    . DA  B 1 5  ? -0.49169  5.58845   -2.20480  1.000 30.57164 ? 17  DA  C C4    1 
ATOM   343 P P     . DA  B 1 6  ? 3.61427   6.31432   -7.04656  1.000 45.16166 ? 18  DA  C P     1 
ATOM   344 O OP1   . DA  B 1 6  ? 4.75643   7.15610   -7.45659  1.000 47.66049 ? 18  DA  C OP1   1 
ATOM   345 O OP2   . DA  B 1 6  ? 2.97739   5.33604   -7.95605  1.000 44.81206 ? 18  DA  C OP2   1 
ATOM   346 O "O5'" . DA  B 1 6  ? 4.05207   5.58871   -5.69019  1.000 38.49152 ? 18  DA  C "O5'" 1 
ATOM   347 C "C5'" . DA  B 1 6  ? 4.51517   6.36050   -4.65174  1.000 37.70027 ? 18  DA  C "C5'" 1 
ATOM   348 C "C4'" . DA  B 1 6  ? 4.84193   5.52635   -3.44848  1.000 35.77941 ? 18  DA  C "C4'" 1 
ATOM   349 O "O4'" . DA  B 1 6  ? 3.61594   5.06179   -2.83438  1.000 36.92221 ? 18  DA  C "O4'" 1 
ATOM   350 C "C3'" . DA  B 1 6  ? 5.68424   4.28825   -3.73353  1.000 38.88795 ? 18  DA  C "C3'" 1 
ATOM   351 O "O3'" . DA  B 1 6  ? 6.76714   4.29192   -2.85649  1.000 45.80810 ? 18  DA  C "O3'" 1 
ATOM   352 C "C2'" . DA  B 1 6  ? 4.72315   3.11521   -3.46867  1.000 35.76268 ? 18  DA  C "C2'" 1 
ATOM   353 C "C1'" . DA  B 1 6  ? 3.73533   3.71883   -2.47228  1.000 33.05153 ? 18  DA  C "C1'" 1 
ATOM   354 N N9    . DA  B 1 6  ? 2.39581   3.12911   -2.49012  1.000 32.98467 ? 18  DA  C N9    1 
ATOM   355 C C8    . DA  B 1 6  ? 1.58477   2.96859   -3.57507  1.000 31.71398 ? 18  DA  C C8    1 
ATOM   356 N N7    . DA  B 1 6  ? 0.42700   2.40622   -3.29668  1.000 34.58117 ? 18  DA  C N7    1 
ATOM   357 C C5    . DA  B 1 6  ? 0.46901   2.21351   -1.93005  1.000 29.38403 ? 18  DA  C C5    1 
ATOM   358 C C6    . DA  B 1 6  ? -0.46498  1.68653   -1.02460  1.000 30.45098 ? 18  DA  C C6    1 
ATOM   359 N N6    . DA  B 1 6  ? -1.66198  1.24059   -1.39711  1.000 30.67506 ? 18  DA  C N6    1 
ATOM   360 N N1    . DA  B 1 6  ? -0.11442  1.62601   0.27877   1.000 30.44584 ? 18  DA  C N1    1 
ATOM   361 C C2    . DA  B 1 6  ? 1.08307   2.08925   0.64123   1.000 31.60826 ? 18  DA  C C2    1 
ATOM   362 N N3    . DA  B 1 6  ? 2.04430   2.61622   -0.12408  1.000 34.59747 ? 18  DA  C N3    1 
ATOM   363 C C4    . DA  B 1 6  ? 1.66543   2.66396   -1.40699  1.000 31.00892 ? 18  DA  C C4    1 
ATOM   364 P P     . DT  B 1 7  ? 7.89823   3.15817   -2.93870  1.000 46.79317 ? 19  DT  C P     1 
ATOM   365 O OP1   . DT  B 1 7  ? 9.15255   3.78816   -2.49853  1.000 51.65012 ? 19  DT  C OP1   1 
ATOM   366 O OP2   . DT  B 1 7  ? 7.75559   2.38057   -4.19028  1.000 42.32084 ? 19  DT  C OP2   1 
ATOM   367 O "O5'" . DT  B 1 7  ? 7.44914   2.14605   -1.81242  1.000 44.96613 ? 19  DT  C "O5'" 1 
ATOM   368 C "C5'" . DT  B 1 7  ? 7.32848   2.60021   -0.49226  1.000 37.13964 ? 19  DT  C "C5'" 1 
ATOM   369 C "C4'" . DT  B 1 7  ? 6.60630   1.56996   0.33468   1.000 37.13443 ? 19  DT  C "C4'" 1 
ATOM   370 O "O4'" . DT  B 1 7  ? 5.27578   1.36877   -0.17694  1.000 33.39439 ? 19  DT  C "O4'" 1 
ATOM   371 C "C3'" . DT  B 1 7  ? 7.25846   0.18349   0.33327   1.000 34.40730 ? 19  DT  C "C3'" 1 
ATOM   372 O "O3'" . DT  B 1 7  ? 7.85084   -0.02927  1.58284   1.000 37.42739 ? 19  DT  C "O3'" 1 
ATOM   373 C "C2'" . DT  B 1 7  ? 6.09261   -0.79117  0.08361   1.000 38.05740 ? 19  DT  C "C2'" 1 
ATOM   374 C "C1'" . DT  B 1 7  ? 4.86482   0.09704   0.24139   1.000 33.71049 ? 19  DT  C "C1'" 1 
ATOM   375 N N1    . DT  B 1 7  ? 3.69521   -0.30936  -0.57293  1.000 32.32083 ? 19  DT  C N1    1 
ATOM   376 C C2    . DT  B 1 7  ? 2.59423   -0.83130  0.06089   1.000 33.70168 ? 19  DT  C C2    1 
ATOM   377 O O2    . DT  B 1 7  ? 2.55428   -1.02198  1.26133   1.000 31.52141 ? 19  DT  C O2    1 
ATOM   378 N N3    . DT  B 1 7  ? 1.55486   -1.16656  -0.76934  1.000 33.52588 ? 19  DT  C N3    1 
ATOM   379 C C4    . DT  B 1 7  ? 1.50055   -0.99517  -2.14329  1.000 34.36362 ? 19  DT  C C4    1 
ATOM   380 O O4    . DT  B 1 7  ? 0.51431   -1.31620  -2.80608  1.000 31.24019 ? 19  DT  C O4    1 
ATOM   381 C C5    . DT  B 1 7  ? 2.70239   -0.43033  -2.74585  1.000 31.92318 ? 19  DT  C C5    1 
ATOM   382 C C7    . DT  B 1 7  ? 2.78228   -0.19992  -4.22748  1.000 35.71534 ? 19  DT  C C7    1 
ATOM   383 C C6    . DT  B 1 7  ? 3.71991   -0.11873  -1.93712  1.000 32.53135 ? 19  DT  C C6    1 
ATOM   384 P P     . DT  B 1 8  ? 8.55001   -1.42423  1.94322   1.000 44.05547 ? 20  DT  C P     1 
ATOM   385 O OP1   . DT  B 1 8  ? 9.56748   -1.08011  2.95616   1.000 49.20713 ? 20  DT  C OP1   1 
ATOM   386 O OP2   . DT  B 1 8  ? 8.85045   -2.22125  0.72863   1.000 39.29463 ? 20  DT  C OP2   1 
ATOM   387 O "O5'" . DT  B 1 8  ? 7.40304   -2.25172  2.67569   1.000 38.54373 ? 20  DT  C "O5'" 1 
ATOM   388 C "C5'" . DT  B 1 8  ? 6.66586   -1.66383  3.69327   1.000 37.63162 ? 20  DT  C "C5'" 1 
ATOM   389 C "C4'" . DT  B 1 8  ? 5.59589   -2.61188  4.15194   1.000 39.14002 ? 20  DT  C "C4'" 1 
ATOM   390 O "O4'" . DT  B 1 8  ? 4.59148   -2.74897  3.12147   1.000 35.68957 ? 20  DT  C "O4'" 1 
ATOM   391 C "C3'" . DT  B 1 8  ? 6.09455   -4.01823  4.45239   1.000 37.01035 ? 20  DT  C "C3'" 1 
ATOM   392 O "O3'" . DT  B 1 8  ? 5.63655   -4.38580  5.73866   1.000 47.05624 ? 20  DT  C "O3'" 1 
ATOM   393 C "C2'" . DT  B 1 8  ? 5.46901   -4.87687  3.34080   1.000 42.18672 ? 20  DT  C "C2'" 1 
ATOM   394 C "C1'" . DT  B 1 8  ? 4.20834   -4.09204  3.00923   1.000 38.81693 ? 20  DT  C "C1'" 1 
ATOM   395 N N1    . DT  B 1 8  ? 3.71402   -4.24916  1.62970   1.000 35.07733 ? 20  DT  C N1    1 
ATOM   396 C C2    . DT  B 1 8  ? 2.42292   -4.64076  1.41536   1.000 34.49720 ? 20  DT  C C2    1 
ATOM   397 O O2    . DT  B 1 8  ? 1.66156   -4.97074  2.31110   1.000 38.35706 ? 20  DT  C O2    1 
ATOM   398 N N3    . DT  B 1 8  ? 2.05760   -4.68478  0.10284   1.000 32.62643 ? 20  DT  C N3    1 
ATOM   399 C C4    . DT  B 1 8  ? 2.82800   -4.34224  -0.98924  1.000 29.58488 ? 20  DT  C C4    1 
ATOM   400 O O4    . DT  B 1 8  ? 2.40997   -4.41690  -2.13000  1.000 32.46956 ? 20  DT  C O4    1 
ATOM   401 C C5    . DT  B 1 8  ? 4.16532   -3.92612  -0.69710  1.000 32.26398 ? 20  DT  C C5    1 
ATOM   402 C C7    . DT  B 1 8  ? 5.08995   -3.54127  -1.80976  1.000 33.28961 ? 20  DT  C C7    1 
ATOM   403 C C6    . DT  B 1 8  ? 4.53715   -3.87773  0.58498   1.000 38.76087 ? 20  DT  C C6    1 
ATOM   404 P P     . DT  B 1 9  ? 6.03994   -5.80482  6.37045   1.000 48.12194 ? 21  DT  C P     1 
ATOM   405 O OP1   . DT  B 1 9  ? 6.22456   -5.55598  7.81662   1.000 53.39915 ? 21  DT  C OP1   1 
ATOM   406 O OP2   . DT  B 1 9  ? 7.11179   -6.41080  5.54576   1.000 54.58174 ? 21  DT  C OP2   1 
ATOM   407 O "O5'" . DT  B 1 9  ? 4.73759   -6.68831  6.15605   1.000 41.30561 ? 21  DT  C "O5'" 1 
ATOM   408 C "C5'" . DT  B 1 9  ? 3.48843   -6.17529  6.49660   1.000 36.61925 ? 21  DT  C "C5'" 1 
ATOM   409 C "C4'" . DT  B 1 9  ? 2.41474   -7.15036  6.11345   1.000 37.07999 ? 21  DT  C "C4'" 1 
ATOM   410 O "O4'" . DT  B 1 9  ? 2.15852   -7.03774  4.70121   1.000 39.06889 ? 21  DT  C "O4'" 1 
ATOM   411 C "C3'" . DT  B 1 9  ? 2.76820   -8.61592  6.37364   1.000 39.70086 ? 21  DT  C "C3'" 1 
ATOM   412 O "O3'" . DT  B 1 9  ? 1.68433   -9.23832  7.03661   1.000 49.14595 ? 21  DT  C "O3'" 1 
ATOM   413 C "C2'" . DT  B 1 9  ? 3.00266   -9.20185  4.96477   1.000 40.69898 ? 21  DT  C "C2'" 1 
ATOM   414 C "C1'" . DT  B 1 9  ? 2.10198   -8.31294  4.11743   1.000 39.65267 ? 21  DT  C "C1'" 1 
ATOM   415 N N1    . DT  B 1 9  ? 2.49144   -8.15987  2.67685   1.000 40.03874 ? 21  DT  C N1    1 
ATOM   416 C C2    . DT  B 1 9  ? 1.50442   -8.22958  1.71922   1.000 34.17675 ? 21  DT  C C2    1 
ATOM   417 O O2    . DT  B 1 9  ? 0.33672   -8.45354  1.98039   1.000 41.30860 ? 21  DT  C O2    1 
ATOM   418 N N3    . DT  B 1 9  ? 1.93081   -8.03776  0.43741   1.000 35.23605 ? 21  DT  C N3    1 
ATOM   419 C C4    . DT  B 1 9  ? 3.21710   -7.79242  0.01823   1.000 36.19101 ? 21  DT  C C4    1 
ATOM   420 O O4    . DT  B 1 9  ? 3.49311   -7.63655  -1.15885  1.000 36.74082 ? 21  DT  C O4    1 
ATOM   421 C C5    . DT  B 1 9  ? 4.20896   -7.71410  1.07004   1.000 37.40983 ? 21  DT  C C5    1 
ATOM   422 C C7    . DT  B 1 9  ? 5.63978   -7.44507  0.73302   1.000 39.33659 ? 21  DT  C C7    1 
ATOM   423 C C6    . DT  B 1 9  ? 3.79763   -7.88600  2.34183   1.000 37.79182 ? 21  DT  C C6    1 
ATOM   424 P P     . DG  B 1 10 ? 1.94573   -10.55474 7.92047   1.000 52.23693 ? 22  DG  C P     1 
ATOM   425 O OP1   . DG  B 1 10 ? 0.93386   -10.53744 8.99620   1.000 46.66147 ? 22  DG  C OP1   1 
ATOM   426 O OP2   . DG  B 1 10 ? 3.39598   -10.59091 8.20404   1.000 45.91596 ? 22  DG  C OP2   1 
ATOM   427 O "O5'" . DG  B 1 10 ? 1.64154   -11.73970 6.91606   1.000 41.48864 ? 22  DG  C "O5'" 1 
ATOM   428 C "C5'" . DG  B 1 10 ? 0.32410   -11.93988 6.46334   1.000 46.11221 ? 22  DG  C "C5'" 1 
ATOM   429 C "C4'" . DG  B 1 10 ? 0.33370   -12.81012 5.23188   1.000 43.28143 ? 22  DG  C "C4'" 1 
ATOM   430 O "O4'" . DG  B 1 10 ? 0.91077   -12.08008 4.11022   1.000 40.49594 ? 22  DG  C "O4'" 1 
ATOM   431 C "C3'" . DG  B 1 10 ? 1.18380   -14.08809 5.35969   1.000 42.80731 ? 22  DG  C "C3'" 1 
ATOM   432 O "O3'" . DG  B 1 10 ? 0.52153   -15.17311 4.78384   1.000 47.77602 ? 22  DG  C "O3'" 1 
ATOM   433 C "C2'" . DG  B 1 10 ? 2.42197   -13.74850 4.54109   1.000 42.72378 ? 22  DG  C "C2'" 1 
ATOM   434 C "C1'" . DG  B 1 10 ? 1.73468   -12.98858 3.43609   1.000 41.72041 ? 22  DG  C "C1'" 1 
ATOM   435 N N9    . DG  B 1 10 ? 2.59674   -12.33067 2.46079   1.000 37.47872 ? 22  DG  C N9    1 
ATOM   436 C C8    . DG  B 1 10 ? 3.87847   -11.87076 2.61254   1.000 34.50569 ? 22  DG  C C8    1 
ATOM   437 N N7    . DG  B 1 10 ? 4.37042   -11.35088 1.51305   1.000 34.87710 ? 22  DG  C N7    1 
ATOM   438 C C5    . DG  B 1 10 ? 3.33092   -11.47602 0.59184   1.000 34.27983 ? 22  DG  C C5    1 
ATOM   439 C C6    . DG  B 1 10 ? 3.25445   -11.08947 -0.76757  1.000 32.64472 ? 22  DG  C C6    1 
ATOM   440 O O6    . DG  B 1 10 ? 4.11791   -10.52798 -1.45878  1.000 31.21304 ? 22  DG  C O6    1 
ATOM   441 N N1    . DG  B 1 10 ? 2.01260   -11.41132 -1.32611  1.000 29.90281 ? 22  DG  C N1    1 
ATOM   442 C C2    . DG  B 1 10 ? 0.97892   -12.00985 -0.64344  1.000 31.74837 ? 22  DG  C C2    1 
ATOM   443 N N2    . DG  B 1 10 ? -0.13516  -12.25076 -1.32996  1.000 35.13717 ? 22  DG  C N2    1 
ATOM   444 N N3    . DG  B 1 10 ? 1.04386   -12.37116 0.62607   1.000 29.96876 ? 22  DG  C N3    1 
ATOM   445 C C4    . DG  B 1 10 ? 2.24740   -12.07527 1.17099   1.000 35.06024 ? 22  DG  C C4    1 
ATOM   446 P P     . DC  B 1 11 ? 0.12048   -16.44012 5.68073   1.000 57.45169 ? 23  DC  C P     1 
ATOM   447 O OP1   . DC  B 1 11 ? -0.69851  -15.97716 6.82603   1.000 58.23059 ? 23  DC  C OP1   1 
ATOM   448 O OP2   . DC  B 1 11 ? 1.39456   -17.16181 5.87609   1.000 48.44733 ? 23  DC  C OP2   1 
ATOM   449 O "O5'" . DC  B 1 11 ? -0.83254  -17.29157 4.74325   1.000 47.65985 ? 23  DC  C "O5'" 1 
ATOM   450 C "C5'" . DC  B 1 11 ? -2.04189  -16.75275 4.31578   1.000 41.41511 ? 23  DC  C "C5'" 1 
ATOM   451 C "C4'" . DC  B 1 11 ? -2.31621  -17.13017 2.88881   1.000 42.45657 ? 23  DC  C "C4'" 1 
ATOM   452 O "O4'" . DC  B 1 11 ? -1.52829  -16.28081 2.00357   1.000 44.38494 ? 23  DC  C "O4'" 1 
ATOM   453 C "C3'" . DC  B 1 11 ? -1.94536  -18.57497 2.54510   1.000 41.74030 ? 23  DC  C "C3'" 1 
ATOM   454 O "O3'" . DC  B 1 11 ? -3.00685  -19.19357 1.88048   1.000 44.86588 ? 23  DC  C "O3'" 1 
ATOM   455 C "C2'" . DC  B 1 11 ? -0.70124  -18.45216 1.67347   1.000 42.94215 ? 23  DC  C "C2'" 1 
ATOM   456 C "C1'" . DC  B 1 11 ? -0.84251  -17.07182 1.06045   1.000 40.27628 ? 23  DC  C "C1'" 1 
ATOM   457 N N1    . DC  B 1 11 ? 0.48961   -16.42947 0.76005   1.000 39.75553 ? 23  DC  C N1    1 
ATOM   458 C C2    . DC  B 1 11 ? 0.76025   -15.92381 -0.52116  1.000 38.67167 ? 23  DC  C C2    1 
ATOM   459 O O2    . DC  B 1 11 ? -0.09618  -16.02846 -1.41343  1.000 34.41787 ? 23  DC  C O2    1 
ATOM   460 N N3    . DC  B 1 11 ? 1.97803   -15.36536 -0.75912  1.000 37.47600 ? 23  DC  C N3    1 
ATOM   461 C C4    . DC  B 1 11 ? 2.88330   -15.29156 0.21719   1.000 31.59521 ? 23  DC  C C4    1 
ATOM   462 N N4    . DC  B 1 11 ? 4.06538   -14.72461 -0.06362  1.000 34.22546 ? 23  DC  C N4    1 
ATOM   463 C C5    . DC  B 1 11 ? 2.61718   -15.78312 1.52499   1.000 33.89439 ? 23  DC  C C5    1 
ATOM   464 C C6    . DC  B 1 11 ? 1.42294   -16.33646 1.74867   1.000 38.51715 ? 23  DC  C C6    1 
ATOM   465 P P     . DG  B 1 12 ? -2.95447  -20.77316 1.56994   1.000 53.42504 ? 24  DG  C P     1 
ATOM   466 O OP1   . DG  B 1 12 ? -4.30646  -21.36361 1.63085   1.000 57.83271 ? 24  DG  C OP1   1 
ATOM   467 O OP2   . DG  B 1 12 ? -1.83210  -21.29812 2.36998   1.000 42.32186 ? 24  DG  C OP2   1 
ATOM   468 O "O5'" . DG  B 1 12 ? -2.46264  -20.79505 0.06546   1.000 36.93624 ? 24  DG  C "O5'" 1 
ATOM   469 C "C5'" . DG  B 1 12 ? -3.31314  -20.30906 -0.94427  1.000 38.10420 ? 24  DG  C "C5'" 1 
ATOM   470 C "C4'" . DG  B 1 12 ? -2.53027  -20.12789 -2.21449  1.000 35.41648 ? 24  DG  C "C4'" 1 
ATOM   471 O "O4'" . DG  B 1 12 ? -1.48854  -19.15779 -1.97227  1.000 31.22057 ? 24  DG  C "O4'" 1 
ATOM   472 C "C3'" . DG  B 1 12 ? -1.76929  -21.37214 -2.63889  1.000 34.77192 ? 24  DG  C "C3'" 1 
ATOM   473 O "O3'" . DG  B 1 12 ? -2.59393  -22.20779 -3.46278  1.000 35.64783 ? 24  DG  C "O3'" 1 
ATOM   474 C "C2'" . DG  B 1 12 ? -0.59392  -20.81423 -3.42222  1.000 34.09184 ? 24  DG  C "C2'" 1 
ATOM   475 C "C1'" . DG  B 1 12 ? -0.47327  -19.37512 -2.92777  1.000 36.25881 ? 24  DG  C "C1'" 1 
ATOM   476 N N9    . DG  B 1 12 ? 0.81152   -19.10042 -2.30111  1.000 33.11312 ? 24  DG  C N9    1 
ATOM   477 C C8    . DG  B 1 12 ? 1.23961   -19.51731 -1.06247  1.000 34.38546 ? 24  DG  C C8    1 
ATOM   478 N N7    . DG  B 1 12 ? 2.46428   -19.15094 -0.79277  1.000 36.81492 ? 24  DG  C N7    1 
ATOM   479 C C5    . DG  B 1 12 ? 2.89941   -18.52361 -1.96272  1.000 31.95771 ? 24  DG  C C5    1 
ATOM   480 C C6    . DG  B 1 12 ? 4.14355   -17.92464 -2.28349  1.000 32.34240 ? 24  DG  C C6    1 
ATOM   481 O O6    . DG  B 1 12 ? 5.16003   -17.82675 -1.58049  1.000 35.46328 ? 24  DG  C O6    1 
ATOM   482 N N1    . DG  B 1 12 ? 4.15234   -17.41916 -3.57483  1.000 34.35462 ? 24  DG  C N1    1 
ATOM   483 C C2    . DG  B 1 12 ? 3.08718   -17.45344 -4.43972  1.000 34.27331 ? 24  DG  C C2    1 
ATOM   484 N N2    . DG  B 1 12 ? 3.27873   -16.90726 -5.64145  1.000 34.03076 ? 24  DG  C N2    1 
ATOM   485 N N3    . DG  B 1 12 ? 1.91683   -17.98729 -4.14880  1.000 33.91016 ? 24  DG  C N3    1 
ATOM   486 C C4    . DG  B 1 12 ? 1.89650   -18.50781 -2.90089  1.000 33.75383 ? 24  DG  C C4    1 
HETATM 487 O O     . HOH C 2 .  ? -3.29153  7.27007   6.12182   1.000 40.30926 ? 101 HOH B O     1 
HETATM 488 O O     . HOH C 2 .  ? -5.56760  3.64008   3.47821   1.000 36.23532 ? 102 HOH B O     1 
HETATM 489 O O     . HOH C 2 .  ? -6.17932  -1.87239  -0.73914  1.000 37.31691 ? 103 HOH B O     1 
HETATM 490 O O     . HOH C 2 .  ? 0.19960   -4.13387  4.67479   1.000 35.88389 ? 104 HOH B O     1 
HETATM 491 O O     . HOH C 2 .  ? 4.04678   3.81697   1.65171   1.000 37.20325 ? 105 HOH B O     1 
HETATM 492 O O     . HOH C 2 .  ? 1.99447   11.22610  -1.14394  1.000 30.34612 ? 106 HOH B O     1 
HETATM 493 O O     . HOH C 2 .  ? 2.45325   15.29276  5.09302   1.000 44.21412 ? 107 HOH B O     1 
HETATM 494 O O     . HOH C 2 .  ? 2.94433   -0.17051  4.06136   1.000 34.31974 ? 108 HOH B O     1 
HETATM 495 O O     . HOH C 2 .  ? -0.72220  4.20125   8.98982   1.000 40.73727 ? 109 HOH B O     1 
HETATM 496 O O     . HOH C 2 .  ? 7.39811   -11.20918 -4.18525  1.000 50.39368 ? 110 HOH B O     1 
HETATM 497 O O     . HOH C 2 .  ? 10.32268  10.89945  3.95680   1.000 60.55864 ? 111 HOH B O     1 
HETATM 498 O O     . HOH C 2 .  ? -4.43283  -1.27355  -3.04390  1.000 40.43453 ? 112 HOH B O     1 
HETATM 499 O O     . HOH C 2 .  ? 7.39366   -12.38631 -2.28849  1.000 44.97673 ? 113 HOH B O     1 
HETATM 500 O O     . HOH C 2 .  ? 5.24106   5.59625   0.33094   1.000 37.83005 ? 114 HOH B O     1 
HETATM 501 O O     . HOH C 2 .  ? -5.44854  -0.00829  6.88058   1.000 37.88441 ? 115 HOH B O     1 
HETATM 502 O O     . HOH C 2 .  ? 5.06286   16.99432  -9.00925  1.000 50.74325 ? 116 HOH B O     1 
HETATM 503 O O     . HOH C 2 .  ? 4.67777   1.71273   3.59480   1.000 35.18614 ? 117 HOH B O     1 
HETATM 504 O O     . HOH D 2 .  ? -1.04556  1.98725   -5.15424  1.000 36.07510 ? 101 HOH C O     1 
HETATM 505 O O     . HOH D 2 .  ? 7.91765   -4.48177  0.66712   1.000 43.75864 ? 102 HOH C O     1 
HETATM 506 O O     . HOH D 2 .  ? 9.01564   -1.89877  -1.89677  1.000 40.16301 ? 103 HOH C O     1 
HETATM 507 O O     . HOH D 2 .  ? 3.07266   7.07218   -1.01808  1.000 34.79228 ? 104 HOH C O     1 
HETATM 508 O O     . HOH D 2 .  ? 5.88894   -7.41174  -2.57636  1.000 44.04713 ? 105 HOH C O     1 
HETATM 509 O O     . HOH D 2 .  ? -3.36697  1.25956   -3.67919  1.000 32.06297 ? 106 HOH C O     1 
HETATM 510 O O     . HOH D 2 .  ? 3.08490   2.87775   -6.46652  1.000 44.26482 ? 107 HOH C O     1 
HETATM 511 O O     . HOH D 2 .  ? -1.66078  13.12283  6.85782   1.000 47.55605 ? 108 HOH C O     1 
HETATM 512 O O     . HOH D 2 .  ? 8.14292   5.61599   -6.93061  1.000 54.16789 ? 109 HOH C O     1 
HETATM 513 O O     . HOH D 2 .  ? -16.88862 10.91707  0.36276   1.000 48.68866 ? 110 HOH C O     1 
HETATM 514 O O     . HOH D 2 .  ? 8.14026   -5.71786  -1.96657  1.000 41.41959 ? 111 HOH C O     1 
# 
loop_
_pdbx_poly_seq_scheme.asym_id 
_pdbx_poly_seq_scheme.entity_id 
_pdbx_poly_seq_scheme.seq_id 
_pdbx_poly_seq_scheme.mon_id 
_pdbx_poly_seq_scheme.ndb_seq_num 
_pdbx_poly_seq_scheme.pdb_seq_num 
_pdbx_poly_seq_scheme.auth_seq_num 
_pdbx_poly_seq_scheme.pdb_mon_id 
_pdbx_poly_seq_scheme.auth_mon_id 
_pdbx_poly_seq_scheme.pdb_strand_id 
_pdbx_poly_seq_scheme.pdb_ins_code 
_pdbx_poly_seq_scheme.hetero 
A 1 1  DC 1  1  1  DC DC B . n 
A 1 2  DG 2  2  2  DG DG B . n 
A 1 3  DC 3  3  3  DC DC B . n 
A 1 4  DA 4  4  4  DA DA B . n 
A 1 5  DA 5  5  5  DA DA B . n 
A 1 6  DA 6  6  6  DA DA B . n 
A 1 7  DT 7  7  7  DT DT B . n 
A 1 8  DT 8  8  8  DT DT B . n 
A 1 9  DT 9  9  9  DT DT B . n 
A 1 10 DG 10 10 10 DG DG B . n 
A 1 11 DC 11 11 11 DC DC B . n 
A 1 12 DG 12 12 12 DG DG B . n 
B 1 1  DC 1  13 13 DC DC C . n 
B 1 2  DG 2  14 14 DG DG C . n 
B 1 3  DC 3  15 15 DC DC C . n 
B 1 4  DA 4  16 16 DA DA C . n 
B 1 5  DA 5  17 17 DA DA C . n 
B 1 6  DA 6  18 18 DA DA C . n 
B 1 7  DT 7  19 19 DT DT C . n 
B 1 8  DT 8  20 20 DT DT C . n 
B 1 9  DT 9  21 21 DT DT C . n 
B 1 10 DG 10 22 22 DG DG C . n 
B 1 11 DC 11 23 23 DC DC C . n 
B 1 12 DG 12 24 24 DG DG C . n 
# 
_pdbx_contact_author.id                 2 
_pdbx_contact_author.email              wdw@gsu.edu 
_pdbx_contact_author.name_first         W 
_pdbx_contact_author.name_last          Wilson 
_pdbx_contact_author.name_mi            David 
_pdbx_contact_author.role               'principal investigator/group leader' 
_pdbx_contact_author.identifier_ORCID   0000-0001-5225-5089 
# 
loop_
_pdbx_nonpoly_scheme.asym_id 
_pdbx_nonpoly_scheme.entity_id 
_pdbx_nonpoly_scheme.mon_id 
_pdbx_nonpoly_scheme.ndb_seq_num 
_pdbx_nonpoly_scheme.pdb_seq_num 
_pdbx_nonpoly_scheme.auth_seq_num 
_pdbx_nonpoly_scheme.pdb_mon_id 
_pdbx_nonpoly_scheme.auth_mon_id 
_pdbx_nonpoly_scheme.pdb_strand_id 
_pdbx_nonpoly_scheme.pdb_ins_code 
C 2 HOH 1  101 16 HOH HOH B . 
C 2 HOH 2  102 14 HOH HOH B . 
C 2 HOH 3  103 9  HOH HOH B . 
C 2 HOH 4  104 2  HOH HOH B . 
C 2 HOH 5  105 1  HOH HOH B . 
C 2 HOH 6  106 28 HOH HOH B . 
C 2 HOH 7  107 10 HOH HOH B . 
C 2 HOH 8  108 6  HOH HOH B . 
C 2 HOH 9  109 21 HOH HOH B . 
C 2 HOH 10 110 13 HOH HOH B . 
C 2 HOH 11 111 19 HOH HOH B . 
C 2 HOH 12 112 12 HOH HOH B . 
C 2 HOH 13 113 15 HOH HOH B . 
C 2 HOH 14 114 18 HOH HOH B . 
C 2 HOH 15 115 17 HOH HOH B . 
C 2 HOH 16 116 24 HOH HOH B . 
C 2 HOH 17 117 11 HOH HOH B . 
D 2 HOH 1  101 7  HOH HOH C . 
D 2 HOH 2  102 27 HOH HOH C . 
D 2 HOH 3  103 4  HOH HOH C . 
D 2 HOH 4  104 3  HOH HOH C . 
D 2 HOH 5  105 20 HOH HOH C . 
D 2 HOH 6  106 8  HOH HOH C . 
D 2 HOH 7  107 5  HOH HOH C . 
D 2 HOH 8  108 23 HOH HOH C . 
D 2 HOH 9  109 25 HOH HOH C . 
D 2 HOH 10 110 26 HOH HOH C . 
D 2 HOH 11 111 22 HOH HOH C . 
# 
_pdbx_struct_assembly.id                   1 
_pdbx_struct_assembly.details              author_and_software_defined_assembly 
_pdbx_struct_assembly.method_details       PISA 
_pdbx_struct_assembly.oligomeric_details   dimeric 
_pdbx_struct_assembly.oligomeric_count     2 
# 
_pdbx_struct_assembly_gen.assembly_id       1 
_pdbx_struct_assembly_gen.oper_expression   1 
_pdbx_struct_assembly_gen.asym_id_list      A,B,C,D 
# 
loop_
_pdbx_struct_assembly_prop.biol_id 
_pdbx_struct_assembly_prop.type 
_pdbx_struct_assembly_prop.value 
_pdbx_struct_assembly_prop.details 
1 'ABSA (A^2)' 1140 ? 
1 MORE         -5   ? 
1 'SSA (A^2)'  4530 ? 
# 
_pdbx_struct_oper_list.id                   1 
_pdbx_struct_oper_list.type                 'identity operation' 
_pdbx_struct_oper_list.name                 1_555 
_pdbx_struct_oper_list.symmetry_operation   x,y,z 
_pdbx_struct_oper_list.matrix[1][1]         1.0000000000 
_pdbx_struct_oper_list.matrix[1][2]         0.0000000000 
_pdbx_struct_oper_list.matrix[1][3]         0.0000000000 
_pdbx_struct_oper_list.vector[1]            0.0000000000 
_pdbx_struct_oper_list.matrix[2][1]         0.0000000000 
_pdbx_struct_oper_list.matrix[2][2]         1.0000000000 
_pdbx_struct_oper_list.matrix[2][3]         0.0000000000 
_pdbx_struct_oper_list.vector[2]            0.0000000000 
_pdbx_struct_oper_list.matrix[3][1]         0.0000000000 
_pdbx_struct_oper_list.matrix[3][2]         0.0000000000 
_pdbx_struct_oper_list.matrix[3][3]         1.0000000000 
_pdbx_struct_oper_list.vector[3]            0.0000000000 
# 
loop_
_pdbx_audit_revision_history.ordinal 
_pdbx_audit_revision_history.data_content_type 
_pdbx_audit_revision_history.major_revision 
_pdbx_audit_revision_history.minor_revision 
_pdbx_audit_revision_history.revision_date 
1 'Structure model' 1 0 2023-02-22 
2 'Structure model' 1 1 2023-08-30 
# 
_pdbx_audit_revision_details.ordinal             1 
_pdbx_audit_revision_details.revision_ordinal    1 
_pdbx_audit_revision_details.data_content_type   'Structure model' 
_pdbx_audit_revision_details.provider            repository 
_pdbx_audit_revision_details.type                'Initial release' 
_pdbx_audit_revision_details.description         ? 
_pdbx_audit_revision_details.details             ? 
# 
loop_
_pdbx_audit_revision_group.ordinal 
_pdbx_audit_revision_group.revision_ordinal 
_pdbx_audit_revision_group.data_content_type 
_pdbx_audit_revision_group.group 
1 2 'Structure model' 'Data collection'     
2 2 'Structure model' 'Database references' 
# 
loop_
_pdbx_audit_revision_category.ordinal 
_pdbx_audit_revision_category.revision_ordinal 
_pdbx_audit_revision_category.data_content_type 
_pdbx_audit_revision_category.category 
1 2 'Structure model' chem_comp_atom  
2 2 'Structure model' chem_comp_bond  
3 2 'Structure model' citation        
4 2 'Structure model' citation_author 
# 
loop_
_pdbx_audit_revision_item.ordinal 
_pdbx_audit_revision_item.revision_ordinal 
_pdbx_audit_revision_item.data_content_type 
_pdbx_audit_revision_item.item 
1 2 'Structure model' '_citation.journal_volume'          
2 2 'Structure model' '_citation.page_first'              
3 2 'Structure model' '_citation.page_last'               
4 2 'Structure model' '_citation.pdbx_database_id_DOI'    
5 2 'Structure model' '_citation.pdbx_database_id_PubMed' 
6 2 'Structure model' '_citation.title'                   
# 
loop_
_space_group_symop.id 
_space_group_symop.operation_xyz 
1 x,y,z           
2 x+1/2,-y+1/2,-z 
3 -x,y+1/2,-z+1/2 
4 -x+1/2,-y,z+1/2 
# 
loop_
_software.citation_id 
_software.classification 
_software.compiler_name 
_software.compiler_version 
_software.contact_author 
_software.contact_author_email 
_software.date 
_software.description 
_software.dependencies 
_software.hardware 
_software.language 
_software.location 
_software.mods 
_software.name 
_software.os 
_software.os_version 
_software.type 
_software.version 
_software.pdbx_ordinal 
? refinement        ? ? ? ? ? ? ? ? ? ? ? PHENIX   ? ? ? 1.19.2_4158 1 
? 'data processing' ? ? ? ? ? ? ? ? ? ? ? autoPROC ? ? ? .           2 
? 'data scaling'    ? ? ? ? ? ? ? ? ? ? ? XDS      ? ? ? .           3 
? 'data reduction'  ? ? ? ? ? ? ? ? ? ? ? XDS      ? ? ? .           4 
? phasing           ? ? ? ? ? ? ? ? ? ? ? PHASER   ? ? ? .           5 
? 'model building'  ? ? ? ? ? ? ? ? ? ? ? Coot     ? ? ? .           6 
# 
loop_
_pdbx_validate_rmsd_bond.id 
_pdbx_validate_rmsd_bond.PDB_model_num 
_pdbx_validate_rmsd_bond.auth_atom_id_1 
_pdbx_validate_rmsd_bond.auth_asym_id_1 
_pdbx_validate_rmsd_bond.auth_comp_id_1 
_pdbx_validate_rmsd_bond.auth_seq_id_1 
_pdbx_validate_rmsd_bond.PDB_ins_code_1 
_pdbx_validate_rmsd_bond.label_alt_id_1 
_pdbx_validate_rmsd_bond.auth_atom_id_2 
_pdbx_validate_rmsd_bond.auth_asym_id_2 
_pdbx_validate_rmsd_bond.auth_comp_id_2 
_pdbx_validate_rmsd_bond.auth_seq_id_2 
_pdbx_validate_rmsd_bond.PDB_ins_code_2 
_pdbx_validate_rmsd_bond.label_alt_id_2 
_pdbx_validate_rmsd_bond.bond_value 
_pdbx_validate_rmsd_bond.bond_target_value 
_pdbx_validate_rmsd_bond.bond_deviation 
_pdbx_validate_rmsd_bond.bond_standard_deviation 
_pdbx_validate_rmsd_bond.linker_flag 
1 1 "O3'" B DC 3 ? ? "C3'" B DC 3 ? ? 1.374 1.419 -0.045 0.006 N 
2 1 "O3'" B DT 8 ? ? "C3'" B DT 8 ? ? 1.379 1.419 -0.040 0.006 N 
# 
_pdbx_validate_rmsd_angle.id                         1 
_pdbx_validate_rmsd_angle.PDB_model_num              1 
_pdbx_validate_rmsd_angle.auth_atom_id_1             "O4'" 
_pdbx_validate_rmsd_angle.auth_asym_id_1             C 
_pdbx_validate_rmsd_angle.auth_comp_id_1             DG 
_pdbx_validate_rmsd_angle.auth_seq_id_1              22 
_pdbx_validate_rmsd_angle.PDB_ins_code_1             ? 
_pdbx_validate_rmsd_angle.label_alt_id_1             ? 
_pdbx_validate_rmsd_angle.auth_atom_id_2             "C1'" 
_pdbx_validate_rmsd_angle.auth_asym_id_2             C 
_pdbx_validate_rmsd_angle.auth_comp_id_2             DG 
_pdbx_validate_rmsd_angle.auth_seq_id_2              22 
_pdbx_validate_rmsd_angle.PDB_ins_code_2             ? 
_pdbx_validate_rmsd_angle.label_alt_id_2             ? 
_pdbx_validate_rmsd_angle.auth_atom_id_3             N9 
_pdbx_validate_rmsd_angle.auth_asym_id_3             C 
_pdbx_validate_rmsd_angle.auth_comp_id_3             DG 
_pdbx_validate_rmsd_angle.auth_seq_id_3              22 
_pdbx_validate_rmsd_angle.PDB_ins_code_3             ? 
_pdbx_validate_rmsd_angle.label_alt_id_3             ? 
_pdbx_validate_rmsd_angle.angle_value                112.16 
_pdbx_validate_rmsd_angle.angle_target_value         108.30 
_pdbx_validate_rmsd_angle.angle_deviation            3.86 
_pdbx_validate_rmsd_angle.angle_standard_deviation   0.30 
_pdbx_validate_rmsd_angle.linker_flag                N 
# 
loop_
_chem_comp_atom.comp_id 
_chem_comp_atom.atom_id 
_chem_comp_atom.type_symbol 
_chem_comp_atom.pdbx_aromatic_flag 
_chem_comp_atom.pdbx_stereo_config 
_chem_comp_atom.pdbx_ordinal 
DA  OP3    O N N 1   
DA  P      P N N 2   
DA  OP1    O N N 3   
DA  OP2    O N N 4   
DA  "O5'"  O N N 5   
DA  "C5'"  C N N 6   
DA  "C4'"  C N R 7   
DA  "O4'"  O N N 8   
DA  "C3'"  C N S 9   
DA  "O3'"  O N N 10  
DA  "C2'"  C N N 11  
DA  "C1'"  C N R 12  
DA  N9     N Y N 13  
DA  C8     C Y N 14  
DA  N7     N Y N 15  
DA  C5     C Y N 16  
DA  C6     C Y N 17  
DA  N6     N N N 18  
DA  N1     N Y N 19  
DA  C2     C Y N 20  
DA  N3     N Y N 21  
DA  C4     C Y N 22  
DA  HOP3   H N N 23  
DA  HOP2   H N N 24  
DA  "H5'"  H N N 25  
DA  "H5''" H N N 26  
DA  "H4'"  H N N 27  
DA  "H3'"  H N N 28  
DA  "HO3'" H N N 29  
DA  "H2'"  H N N 30  
DA  "H2''" H N N 31  
DA  "H1'"  H N N 32  
DA  H8     H N N 33  
DA  H61    H N N 34  
DA  H62    H N N 35  
DA  H2     H N N 36  
DC  OP3    O N N 37  
DC  P      P N N 38  
DC  OP1    O N N 39  
DC  OP2    O N N 40  
DC  "O5'"  O N N 41  
DC  "C5'"  C N N 42  
DC  "C4'"  C N R 43  
DC  "O4'"  O N N 44  
DC  "C3'"  C N S 45  
DC  "O3'"  O N N 46  
DC  "C2'"  C N N 47  
DC  "C1'"  C N R 48  
DC  N1     N N N 49  
DC  C2     C N N 50  
DC  O2     O N N 51  
DC  N3     N N N 52  
DC  C4     C N N 53  
DC  N4     N N N 54  
DC  C5     C N N 55  
DC  C6     C N N 56  
DC  HOP3   H N N 57  
DC  HOP2   H N N 58  
DC  "H5'"  H N N 59  
DC  "H5''" H N N 60  
DC  "H4'"  H N N 61  
DC  "H3'"  H N N 62  
DC  "HO3'" H N N 63  
DC  "H2'"  H N N 64  
DC  "H2''" H N N 65  
DC  "H1'"  H N N 66  
DC  H41    H N N 67  
DC  H42    H N N 68  
DC  H5     H N N 69  
DC  H6     H N N 70  
DG  OP3    O N N 71  
DG  P      P N N 72  
DG  OP1    O N N 73  
DG  OP2    O N N 74  
DG  "O5'"  O N N 75  
DG  "C5'"  C N N 76  
DG  "C4'"  C N R 77  
DG  "O4'"  O N N 78  
DG  "C3'"  C N S 79  
DG  "O3'"  O N N 80  
DG  "C2'"  C N N 81  
DG  "C1'"  C N R 82  
DG  N9     N Y N 83  
DG  C8     C Y N 84  
DG  N7     N Y N 85  
DG  C5     C Y N 86  
DG  C6     C N N 87  
DG  O6     O N N 88  
DG  N1     N N N 89  
DG  C2     C N N 90  
DG  N2     N N N 91  
DG  N3     N N N 92  
DG  C4     C Y N 93  
DG  HOP3   H N N 94  
DG  HOP2   H N N 95  
DG  "H5'"  H N N 96  
DG  "H5''" H N N 97  
DG  "H4'"  H N N 98  
DG  "H3'"  H N N 99  
DG  "HO3'" H N N 100 
DG  "H2'"  H N N 101 
DG  "H2''" H N N 102 
DG  "H1'"  H N N 103 
DG  H8     H N N 104 
DG  H1     H N N 105 
DG  H21    H N N 106 
DG  H22    H N N 107 
DT  OP3    O N N 108 
DT  P      P N N 109 
DT  OP1    O N N 110 
DT  OP2    O N N 111 
DT  "O5'"  O N N 112 
DT  "C5'"  C N N 113 
DT  "C4'"  C N R 114 
DT  "O4'"  O N N 115 
DT  "C3'"  C N S 116 
DT  "O3'"  O N N 117 
DT  "C2'"  C N N 118 
DT  "C1'"  C N R 119 
DT  N1     N N N 120 
DT  C2     C N N 121 
DT  O2     O N N 122 
DT  N3     N N N 123 
DT  C4     C N N 124 
DT  O4     O N N 125 
DT  C5     C N N 126 
DT  C7     C N N 127 
DT  C6     C N N 128 
DT  HOP3   H N N 129 
DT  HOP2   H N N 130 
DT  "H5'"  H N N 131 
DT  "H5''" H N N 132 
DT  "H4'"  H N N 133 
DT  "H3'"  H N N 134 
DT  "HO3'" H N N 135 
DT  "H2'"  H N N 136 
DT  "H2''" H N N 137 
DT  "H1'"  H N N 138 
DT  H3     H N N 139 
DT  H71    H N N 140 
DT  H72    H N N 141 
DT  H73    H N N 142 
DT  H6     H N N 143 
HOH O      O N N 144 
HOH H1     H N N 145 
HOH H2     H N N 146 
# 
loop_
_chem_comp_bond.comp_id 
_chem_comp_bond.atom_id_1 
_chem_comp_bond.atom_id_2 
_chem_comp_bond.value_order 
_chem_comp_bond.pdbx_aromatic_flag 
_chem_comp_bond.pdbx_stereo_config 
_chem_comp_bond.pdbx_ordinal 
DA  OP3   P      sing N N 1   
DA  OP3   HOP3   sing N N 2   
DA  P     OP1    doub N N 3   
DA  P     OP2    sing N N 4   
DA  P     "O5'"  sing N N 5   
DA  OP2   HOP2   sing N N 6   
DA  "O5'" "C5'"  sing N N 7   
DA  "C5'" "C4'"  sing N N 8   
DA  "C5'" "H5'"  sing N N 9   
DA  "C5'" "H5''" sing N N 10  
DA  "C4'" "O4'"  sing N N 11  
DA  "C4'" "C3'"  sing N N 12  
DA  "C4'" "H4'"  sing N N 13  
DA  "O4'" "C1'"  sing N N 14  
DA  "C3'" "O3'"  sing N N 15  
DA  "C3'" "C2'"  sing N N 16  
DA  "C3'" "H3'"  sing N N 17  
DA  "O3'" "HO3'" sing N N 18  
DA  "C2'" "C1'"  sing N N 19  
DA  "C2'" "H2'"  sing N N 20  
DA  "C2'" "H2''" sing N N 21  
DA  "C1'" N9     sing N N 22  
DA  "C1'" "H1'"  sing N N 23  
DA  N9    C8     sing Y N 24  
DA  N9    C4     sing Y N 25  
DA  C8    N7     doub Y N 26  
DA  C8    H8     sing N N 27  
DA  N7    C5     sing Y N 28  
DA  C5    C6     sing Y N 29  
DA  C5    C4     doub Y N 30  
DA  C6    N6     sing N N 31  
DA  C6    N1     doub Y N 32  
DA  N6    H61    sing N N 33  
DA  N6    H62    sing N N 34  
DA  N1    C2     sing Y N 35  
DA  C2    N3     doub Y N 36  
DA  C2    H2     sing N N 37  
DA  N3    C4     sing Y N 38  
DC  OP3   P      sing N N 39  
DC  OP3   HOP3   sing N N 40  
DC  P     OP1    doub N N 41  
DC  P     OP2    sing N N 42  
DC  P     "O5'"  sing N N 43  
DC  OP2   HOP2   sing N N 44  
DC  "O5'" "C5'"  sing N N 45  
DC  "C5'" "C4'"  sing N N 46  
DC  "C5'" "H5'"  sing N N 47  
DC  "C5'" "H5''" sing N N 48  
DC  "C4'" "O4'"  sing N N 49  
DC  "C4'" "C3'"  sing N N 50  
DC  "C4'" "H4'"  sing N N 51  
DC  "O4'" "C1'"  sing N N 52  
DC  "C3'" "O3'"  sing N N 53  
DC  "C3'" "C2'"  sing N N 54  
DC  "C3'" "H3'"  sing N N 55  
DC  "O3'" "HO3'" sing N N 56  
DC  "C2'" "C1'"  sing N N 57  
DC  "C2'" "H2'"  sing N N 58  
DC  "C2'" "H2''" sing N N 59  
DC  "C1'" N1     sing N N 60  
DC  "C1'" "H1'"  sing N N 61  
DC  N1    C2     sing N N 62  
DC  N1    C6     sing N N 63  
DC  C2    O2     doub N N 64  
DC  C2    N3     sing N N 65  
DC  N3    C4     doub N N 66  
DC  C4    N4     sing N N 67  
DC  C4    C5     sing N N 68  
DC  N4    H41    sing N N 69  
DC  N4    H42    sing N N 70  
DC  C5    C6     doub N N 71  
DC  C5    H5     sing N N 72  
DC  C6    H6     sing N N 73  
DG  OP3   P      sing N N 74  
DG  OP3   HOP3   sing N N 75  
DG  P     OP1    doub N N 76  
DG  P     OP2    sing N N 77  
DG  P     "O5'"  sing N N 78  
DG  OP2   HOP2   sing N N 79  
DG  "O5'" "C5'"  sing N N 80  
DG  "C5'" "C4'"  sing N N 81  
DG  "C5'" "H5'"  sing N N 82  
DG  "C5'" "H5''" sing N N 83  
DG  "C4'" "O4'"  sing N N 84  
DG  "C4'" "C3'"  sing N N 85  
DG  "C4'" "H4'"  sing N N 86  
DG  "O4'" "C1'"  sing N N 87  
DG  "C3'" "O3'"  sing N N 88  
DG  "C3'" "C2'"  sing N N 89  
DG  "C3'" "H3'"  sing N N 90  
DG  "O3'" "HO3'" sing N N 91  
DG  "C2'" "C1'"  sing N N 92  
DG  "C2'" "H2'"  sing N N 93  
DG  "C2'" "H2''" sing N N 94  
DG  "C1'" N9     sing N N 95  
DG  "C1'" "H1'"  sing N N 96  
DG  N9    C8     sing Y N 97  
DG  N9    C4     sing Y N 98  
DG  C8    N7     doub Y N 99  
DG  C8    H8     sing N N 100 
DG  N7    C5     sing Y N 101 
DG  C5    C6     sing N N 102 
DG  C5    C4     doub Y N 103 
DG  C6    O6     doub N N 104 
DG  C6    N1     sing N N 105 
DG  N1    C2     sing N N 106 
DG  N1    H1     sing N N 107 
DG  C2    N2     sing N N 108 
DG  C2    N3     doub N N 109 
DG  N2    H21    sing N N 110 
DG  N2    H22    sing N N 111 
DG  N3    C4     sing N N 112 
DT  OP3   P      sing N N 113 
DT  OP3   HOP3   sing N N 114 
DT  P     OP1    doub N N 115 
DT  P     OP2    sing N N 116 
DT  P     "O5'"  sing N N 117 
DT  OP2   HOP2   sing N N 118 
DT  "O5'" "C5'"  sing N N 119 
DT  "C5'" "C4'"  sing N N 120 
DT  "C5'" "H5'"  sing N N 121 
DT  "C5'" "H5''" sing N N 122 
DT  "C4'" "O4'"  sing N N 123 
DT  "C4'" "C3'"  sing N N 124 
DT  "C4'" "H4'"  sing N N 125 
DT  "O4'" "C1'"  sing N N 126 
DT  "C3'" "O3'"  sing N N 127 
DT  "C3'" "C2'"  sing N N 128 
DT  "C3'" "H3'"  sing N N 129 
DT  "O3'" "HO3'" sing N N 130 
DT  "C2'" "C1'"  sing N N 131 
DT  "C2'" "H2'"  sing N N 132 
DT  "C2'" "H2''" sing N N 133 
DT  "C1'" N1     sing N N 134 
DT  "C1'" "H1'"  sing N N 135 
DT  N1    C2     sing N N 136 
DT  N1    C6     sing N N 137 
DT  C2    O2     doub N N 138 
DT  C2    N3     sing N N 139 
DT  N3    C4     sing N N 140 
DT  N3    H3     sing N N 141 
DT  C4    O4     doub N N 142 
DT  C4    C5     sing N N 143 
DT  C5    C7     sing N N 144 
DT  C5    C6     doub N N 145 
DT  C7    H71    sing N N 146 
DT  C7    H72    sing N N 147 
DT  C7    H73    sing N N 148 
DT  C6    H6     sing N N 149 
HOH O     H1     sing N N 150 
HOH O     H2     sing N N 151 
# 
loop_
_ndb_struct_conf_na.entry_id 
_ndb_struct_conf_na.feature 
8FDP 'double helix'        
8FDP 'b-form double helix' 
# 
loop_
_ndb_struct_na_base_pair.model_number 
_ndb_struct_na_base_pair.i_label_asym_id 
_ndb_struct_na_base_pair.i_label_comp_id 
_ndb_struct_na_base_pair.i_label_seq_id 
_ndb_struct_na_base_pair.i_symmetry 
_ndb_struct_na_base_pair.j_label_asym_id 
_ndb_struct_na_base_pair.j_label_comp_id 
_ndb_struct_na_base_pair.j_label_seq_id 
_ndb_struct_na_base_pair.j_symmetry 
_ndb_struct_na_base_pair.shear 
_ndb_struct_na_base_pair.stretch 
_ndb_struct_na_base_pair.stagger 
_ndb_struct_na_base_pair.buckle 
_ndb_struct_na_base_pair.propeller 
_ndb_struct_na_base_pair.opening 
_ndb_struct_na_base_pair.pair_number 
_ndb_struct_na_base_pair.pair_name 
_ndb_struct_na_base_pair.i_auth_asym_id 
_ndb_struct_na_base_pair.i_auth_seq_id 
_ndb_struct_na_base_pair.i_PDB_ins_code 
_ndb_struct_na_base_pair.j_auth_asym_id 
_ndb_struct_na_base_pair.j_auth_seq_id 
_ndb_struct_na_base_pair.j_PDB_ins_code 
_ndb_struct_na_base_pair.hbond_type_28 
_ndb_struct_na_base_pair.hbond_type_12 
1 A DC 1  1_555 B DG 12 1_555 0.170  -0.158 0.030  2.908   -3.437  -2.767 1  B_DC1:DG24_C  B 1  ? C 24 ? 19 1 
1 A DG 2  1_555 B DC 11 1_555 -0.125 -0.091 0.235  -3.375  -5.391  -4.205 2  B_DG2:DC23_C  B 2  ? C 23 ? 19 1 
1 A DC 3  1_555 B DG 10 1_555 0.163  -0.170 -0.006 -0.063  -7.245  0.014  3  B_DC3:DG22_C  B 3  ? C 22 ? 19 1 
1 A DA 4  1_555 B DT 9  1_555 -0.020 -0.058 -0.100 9.767   -15.299 4.821  4  B_DA4:DT21_C  B 4  ? C 21 ? 20 1 
1 A DA 5  1_555 B DT 8  1_555 -0.046 -0.212 0.249  12.872  -18.447 1.147  5  B_DA5:DT20_C  B 5  ? C 20 ? 20 1 
1 A DA 6  1_555 B DT 7  1_555 -0.007 -0.187 0.313  4.576   -17.548 4.954  6  B_DA6:DT19_C  B 6  ? C 19 ? 20 1 
1 A DT 7  1_555 B DA 6  1_555 0.085  -0.156 0.276  -2.331  -20.131 4.575  7  B_DT7:DA18_C  B 7  ? C 18 ? 20 1 
1 A DT 8  1_555 B DA 5  1_555 -0.201 -0.122 0.116  -7.396  -19.730 5.531  8  B_DT8:DA17_C  B 8  ? C 17 ? 20 1 
1 A DT 9  1_555 B DA 4  1_555 -0.024 -0.067 0.071  -12.063 -14.474 -0.482 9  B_DT9:DA16_C  B 9  ? C 16 ? 20 1 
1 A DG 10 1_555 B DC 3  1_555 -0.287 -0.177 0.345  9.849   -4.962  2.813  10 B_DG10:DC15_C B 10 ? C 15 ? 19 1 
1 A DC 11 1_555 B DG 2  1_555 0.080  -0.219 0.318  3.035   -18.022 -1.986 11 B_DC11:DG14_C B 11 ? C 14 ? 19 1 
1 A DG 12 1_555 B DC 1  1_555 -0.124 -0.047 0.227  8.500   -5.518  0.386  12 B_DG12:DC13_C B 12 ? C 13 ? 19 1 
# 
loop_
_ndb_struct_na_base_pair_step.model_number 
_ndb_struct_na_base_pair_step.i_label_asym_id_1 
_ndb_struct_na_base_pair_step.i_label_comp_id_1 
_ndb_struct_na_base_pair_step.i_label_seq_id_1 
_ndb_struct_na_base_pair_step.i_symmetry_1 
_ndb_struct_na_base_pair_step.j_label_asym_id_1 
_ndb_struct_na_base_pair_step.j_label_comp_id_1 
_ndb_struct_na_base_pair_step.j_label_seq_id_1 
_ndb_struct_na_base_pair_step.j_symmetry_1 
_ndb_struct_na_base_pair_step.i_label_asym_id_2 
_ndb_struct_na_base_pair_step.i_label_comp_id_2 
_ndb_struct_na_base_pair_step.i_label_seq_id_2 
_ndb_struct_na_base_pair_step.i_symmetry_2 
_ndb_struct_na_base_pair_step.j_label_asym_id_2 
_ndb_struct_na_base_pair_step.j_label_comp_id_2 
_ndb_struct_na_base_pair_step.j_label_seq_id_2 
_ndb_struct_na_base_pair_step.j_symmetry_2 
_ndb_struct_na_base_pair_step.shift 
_ndb_struct_na_base_pair_step.slide 
_ndb_struct_na_base_pair_step.rise 
_ndb_struct_na_base_pair_step.tilt 
_ndb_struct_na_base_pair_step.roll 
_ndb_struct_na_base_pair_step.twist 
_ndb_struct_na_base_pair_step.x_displacement 
_ndb_struct_na_base_pair_step.y_displacement 
_ndb_struct_na_base_pair_step.helical_rise 
_ndb_struct_na_base_pair_step.inclination 
_ndb_struct_na_base_pair_step.tip 
_ndb_struct_na_base_pair_step.helical_twist 
_ndb_struct_na_base_pair_step.step_number 
_ndb_struct_na_base_pair_step.step_name 
_ndb_struct_na_base_pair_step.i_auth_asym_id_1 
_ndb_struct_na_base_pair_step.i_auth_seq_id_1 
_ndb_struct_na_base_pair_step.i_PDB_ins_code_1 
_ndb_struct_na_base_pair_step.j_auth_asym_id_1 
_ndb_struct_na_base_pair_step.j_auth_seq_id_1 
_ndb_struct_na_base_pair_step.j_PDB_ins_code_1 
_ndb_struct_na_base_pair_step.i_auth_asym_id_2 
_ndb_struct_na_base_pair_step.i_auth_seq_id_2 
_ndb_struct_na_base_pair_step.i_PDB_ins_code_2 
_ndb_struct_na_base_pair_step.j_auth_asym_id_2 
_ndb_struct_na_base_pair_step.j_auth_seq_id_2 
_ndb_struct_na_base_pair_step.j_PDB_ins_code_2 
1 A DC 1  1_555 B DG 12 1_555 A DG 2  1_555 B DC 11 1_555 -0.827 -0.245 3.547 -3.947 -6.481 35.286 0.619  0.718  3.603 -10.541 
6.420  36.067 1  BB_DC1DG2:DC23DG24_CC   B 1  ? C 24 ? B 2  ? C 23 ? 
1 A DG 2  1_555 B DC 11 1_555 A DC 3  1_555 B DG 10 1_555 0.951  0.388  3.221 3.894  -0.552 39.705 0.632  -0.946 3.291 -0.811  
-5.716 39.892 2  BB_DG2DC3:DG22DC23_CC   B 2  ? C 23 ? B 3  ? C 22 ? 
1 A DC 3  1_555 B DG 10 1_555 A DA 4  1_555 B DT 9  1_555 -0.571 0.819  3.296 2.821  12.121 26.567 -1.147 1.772  3.274 24.725  
-5.755 29.290 3  BB_DC3DA4:DT21DG22_CC   B 3  ? C 22 ? B 4  ? C 21 ? 
1 A DA 4  1_555 B DT 9  1_555 A DA 5  1_555 B DT 8  1_555 -0.041 -0.041 3.124 -1.514 -1.826 34.715 0.198  -0.151 3.121 -3.056  
2.534  34.794 4  BB_DA4DA5:DT20DT21_CC   B 4  ? C 21 ? B 5  ? C 20 ? 
1 A DA 5  1_555 B DT 8  1_555 A DA 6  1_555 B DT 7  1_555 0.234  -0.363 3.326 -1.870 0.577  39.527 -0.605 -0.568 3.307 0.853   
2.762  39.573 5  BB_DA5DA6:DT19DT20_CC   B 5  ? C 20 ? B 6  ? C 19 ? 
1 A DA 6  1_555 B DT 7  1_555 A DT 7  1_555 B DA 6  1_555 -0.090 -0.686 3.356 0.437  -1.251 32.703 -0.996 0.238  3.378 -2.221  
-0.776 32.729 6  BB_DA6DT7:DA18DT19_CC   B 6  ? C 19 ? B 7  ? C 18 ? 
1 A DT 7  1_555 B DA 6  1_555 A DT 8  1_555 B DA 5  1_555 -0.177 -0.334 3.266 1.811  -2.178 35.508 -0.229 0.552  3.268 -3.565  
-2.964 35.617 7  BB_DT7DT8:DA17DA18_CC   B 7  ? C 18 ? B 8  ? C 17 ? 
1 A DT 8  1_555 B DA 5  1_555 A DT 9  1_555 B DA 4  1_555 -0.193 -0.081 3.299 1.628  -3.615 41.683 0.267  0.442  3.285 -5.067  
-2.282 41.863 8  BB_DT8DT9:DA16DA17_CC   B 8  ? C 17 ? B 9  ? C 16 ? 
1 A DT 9  1_555 B DA 4  1_555 A DG 10 1_555 B DC 3  1_555 0.875  0.846  2.898 -3.040 1.939  27.610 1.349  -2.459 2.839 4.040   
6.335  27.840 9  BB_DT9DG10:DC15DA16_CC  B 9  ? C 16 ? B 10 ? C 15 ? 
1 A DG 10 1_555 B DC 3  1_555 A DC 11 1_555 B DG 2  1_555 -1.363 0.549  3.502 -2.273 -7.647 42.829 1.528  1.603  3.424 -10.364 
3.081  43.531 10 BB_DG10DC11:DG14DC15_CC B 10 ? C 15 ? B 11 ? C 14 ? 
1 A DC 11 1_555 B DG 2  1_555 A DG 12 1_555 B DC 1  1_555 0.972  0.553  3.272 2.574  2.411  34.228 0.553  -1.235 3.364 4.082   
-4.359 34.404 11 BB_DC11DG12:DC13DG14_CC B 11 ? C 14 ? B 12 ? C 13 ? 
# 
_pdbx_audit_support.funding_organization   
'National Institutes of Health/National Institute of General Medical Sciences (NIH/NIGMS)' 
_pdbx_audit_support.country                'United States' 
_pdbx_audit_support.grant_number           GM111749 
_pdbx_audit_support.ordinal                1 
# 
_pdbx_entity_nonpoly.entity_id   2 
_pdbx_entity_nonpoly.name        water 
_pdbx_entity_nonpoly.comp_id     HOH 
# 
_pdbx_initial_refinement_model.id               1 
_pdbx_initial_refinement_model.entity_id_list   ? 
_pdbx_initial_refinement_model.type             'experimental model' 
_pdbx_initial_refinement_model.source_name      PDB 
_pdbx_initial_refinement_model.accession_code   1BNA 
_pdbx_initial_refinement_model.details          ? 
# 
_pdbx_struct_assembly_auth_evidence.id                     1 
_pdbx_struct_assembly_auth_evidence.assembly_id            1 
_pdbx_struct_assembly_auth_evidence.experimental_support   'mass spectrometry' 
_pdbx_struct_assembly_auth_evidence.details                ? 
# 
_space_group.name_H-M_alt     'P 21 21 21' 
_space_group.name_Hall        'P 2ac 2ab' 
_space_group.IT_number        19 
_space_group.crystal_system   orthorhombic 
_space_group.id               1 
# 
